data_4D4A
#
_entry.id   4D4A
#
_cell.length_a   83.843
_cell.length_b   85.419
_cell.length_c   102.024
_cell.angle_alpha   90.00
_cell.angle_beta   90.00
_cell.angle_gamma   90.00
#
_symmetry.space_group_name_H-M   'P 21 21 21'
#
loop_
_entity.id
_entity.type
_entity.pdbx_description
1 polymer ALPHA-1,6-MANNANASE
2 non-polymer 1,2-ETHANEDIOL
3 water water
#
_entity_poly.entity_id   1
_entity_poly.type   'polypeptide(L)'
_entity_poly.pdbx_seq_one_letter_code
;MGSSHHHHHHSSGLEVLFQGPAYTASDGDTAMKAFNDTFWDPNAKMFWKDSKREKHQDFWVEAELWELVMDAYQHTSDPA
LKAELKTQIDDVYDGTVAKYGQDWTNNPFNDDIMWWAMGSARAYQITGNPRYLEAARDHFDFVYDTQWDEEFANGGIWWL
NSDHNTKNACINFPAAQAALYLYDITKDEHYLNAATKIFRWGKTMLTDGNGKVFDRIEIEHGAVPDATHYNQGTYIGSAV
GLYKATGNAVYLDDAVKAAKFTKNHLVDSNGVLNYEGPNGDLKGGKTILMRNLAHLQKTLDETGQYPEFSAEFDEWLAFN
IEMAWSHQNSDHIVDGNWAGQLLSGTYESWSSAAAVQALNGI
;
_entity_poly.pdbx_strand_id   A,B
#
# COMPACT_ATOMS: atom_id res chain seq x y z
N SER A 26 -17.08 23.60 22.77
CA SER A 26 -16.42 23.42 24.10
C SER A 26 -14.97 22.96 23.95
N ASP A 27 -14.79 21.70 23.54
CA ASP A 27 -13.44 21.11 23.53
C ASP A 27 -12.47 21.83 22.59
N GLY A 28 -12.90 22.17 21.36
CA GLY A 28 -12.03 22.90 20.43
C GLY A 28 -11.70 24.30 20.91
N ASP A 29 -12.69 24.96 21.54
CA ASP A 29 -12.48 26.28 22.14
C ASP A 29 -11.45 26.18 23.26
N THR A 30 -11.67 25.23 24.17
CA THR A 30 -10.77 25.04 25.31
C THR A 30 -9.36 24.74 24.85
N ALA A 31 -9.23 23.86 23.86
CA ALA A 31 -7.92 23.46 23.36
C ALA A 31 -7.16 24.65 22.72
N MET A 32 -7.88 25.47 21.97
CA MET A 32 -7.25 26.64 21.31
C MET A 32 -6.85 27.70 22.34
N LYS A 33 -7.74 27.98 23.30
CA LYS A 33 -7.45 28.97 24.33
C LYS A 33 -6.22 28.54 25.14
N ALA A 34 -6.14 27.25 25.47
CA ALA A 34 -4.99 26.74 26.22
C ALA A 34 -3.69 26.84 25.42
N PHE A 35 -3.76 26.47 24.14
CA PHE A 35 -2.61 26.59 23.22
C PHE A 35 -2.09 28.03 23.17
N ASN A 36 -3.01 28.99 23.00
CA ASN A 36 -2.65 30.40 22.99
C ASN A 36 -2.06 30.84 24.34
N ASP A 37 -2.71 30.45 25.42
CA ASP A 37 -2.21 30.82 26.76
C ASP A 37 -0.78 30.34 26.97
N THR A 38 -0.50 29.14 26.47
CA THR A 38 0.80 28.51 26.66
C THR A 38 1.88 29.00 25.70
N PHE A 39 1.51 29.25 24.44
CA PHE A 39 2.49 29.48 23.38
C PHE A 39 2.47 30.83 22.65
N TRP A 40 1.35 31.55 22.71
CA TRP A 40 1.27 32.84 22.01
C TRP A 40 2.05 33.94 22.72
N ASP A 41 2.90 34.64 21.95
CA ASP A 41 3.59 35.84 22.45
C ASP A 41 2.88 37.10 21.91
N PRO A 42 2.09 37.78 22.75
CA PRO A 42 1.37 38.96 22.29
C PRO A 42 2.28 40.17 22.00
N ASN A 43 3.50 40.15 22.51
CA ASN A 43 4.41 41.27 22.28
CA ASN A 43 4.49 41.22 22.32
C ASN A 43 5.08 41.17 20.91
N ALA A 44 5.68 40.02 20.59
CA ALA A 44 6.25 39.78 19.24
C ALA A 44 5.20 39.42 18.18
N LYS A 45 3.98 39.09 18.61
CA LYS A 45 2.92 38.60 17.72
C LYS A 45 3.37 37.38 16.93
N MET A 46 3.99 36.45 17.65
CA MET A 46 4.41 35.16 17.09
C MET A 46 4.21 34.11 18.17
N PHE A 47 4.05 32.86 17.78
CA PHE A 47 4.09 31.74 18.73
C PHE A 47 5.51 31.43 19.15
N TRP A 48 5.67 31.10 20.43
CA TRP A 48 6.91 30.54 20.93
C TRP A 48 7.08 29.11 20.41
N LYS A 49 8.35 28.72 20.22
CA LYS A 49 8.66 27.37 19.78
C LYS A 49 8.37 26.31 20.86
N ASP A 50 8.55 26.69 22.12
CA ASP A 50 8.20 25.78 23.23
C ASP A 50 7.91 26.58 24.51
N SER A 51 7.56 25.85 25.57
CA SER A 51 7.09 26.45 26.80
C SER A 51 8.19 27.12 27.62
N LYS A 52 9.46 27.01 27.20
CA LYS A 52 10.54 27.79 27.82
CA LYS A 52 10.56 27.79 27.80
C LYS A 52 10.49 29.26 27.36
N ARG A 53 9.78 29.53 26.26
CA ARG A 53 9.57 30.89 25.76
C ARG A 53 10.90 31.64 25.52
N GLU A 54 11.82 30.96 24.82
CA GLU A 54 13.14 31.49 24.53
C GLU A 54 13.41 31.76 23.04
N LYS A 55 12.58 31.17 22.18
CA LYS A 55 12.77 31.26 20.74
C LYS A 55 11.40 31.13 20.10
N HIS A 56 11.14 31.97 19.10
CA HIS A 56 9.88 31.91 18.40
C HIS A 56 9.90 30.81 17.34
N GLN A 57 8.71 30.45 16.91
CA GLN A 57 8.55 29.35 15.98
C GLN A 57 9.21 29.60 14.62
N ASP A 58 9.66 28.50 14.01
CA ASP A 58 10.25 28.53 12.67
C ASP A 58 9.26 29.13 11.67
N PHE A 59 9.80 29.81 10.67
CA PHE A 59 8.99 30.51 9.67
C PHE A 59 7.89 29.65 9.05
N TRP A 60 8.25 28.50 8.45
CA TRP A 60 7.22 27.72 7.75
C TRP A 60 6.16 27.18 8.72
N VAL A 61 6.61 26.74 9.89
CA VAL A 61 5.69 26.19 10.88
C VAL A 61 4.71 27.27 11.36
N GLU A 62 5.20 28.51 11.46
CA GLU A 62 4.34 29.62 11.85
C GLU A 62 3.14 29.80 10.90
N ALA A 63 3.31 29.50 9.60
CA ALA A 63 2.17 29.55 8.66
C ALA A 63 1.15 28.48 9.00
N GLU A 64 1.62 27.35 9.53
CA GLU A 64 0.72 26.25 9.90
C GLU A 64 -0.02 26.51 11.19
N LEU A 65 0.62 27.20 12.12
CA LEU A 65 -0.07 27.68 13.30
C LEU A 65 -1.04 28.82 12.96
N TRP A 66 -0.69 29.65 11.98
CA TRP A 66 -1.60 30.66 11.43
C TRP A 66 -2.89 29.98 10.93
N GLU A 67 -2.73 28.90 10.16
CA GLU A 67 -3.89 28.17 9.68
C GLU A 67 -4.68 27.50 10.81
N LEU A 68 -4.00 27.07 11.88
CA LEU A 68 -4.72 26.55 13.04
C LEU A 68 -5.63 27.63 13.64
N VAL A 69 -5.12 28.86 13.77
CA VAL A 69 -5.92 29.98 14.26
C VAL A 69 -7.16 30.17 13.36
N MET A 70 -6.96 30.08 12.05
CA MET A 70 -8.05 30.26 11.10
C MET A 70 -9.06 29.13 11.22
N ASP A 71 -8.60 27.90 11.43
CA ASP A 71 -9.51 26.76 11.61
C ASP A 71 -10.35 26.85 12.88
N ALA A 72 -9.74 27.30 13.98
CA ALA A 72 -10.45 27.55 15.23
C ALA A 72 -11.48 28.67 15.03
N TYR A 73 -11.07 29.74 14.34
CA TYR A 73 -12.00 30.82 13.97
C TYR A 73 -13.26 30.28 13.26
N GLN A 74 -13.06 29.39 12.30
CA GLN A 74 -14.16 28.80 11.51
C GLN A 74 -14.98 27.83 12.31
N HIS A 75 -14.33 27.13 13.23
CA HIS A 75 -14.96 26.06 14.00
C HIS A 75 -15.81 26.55 15.19
N THR A 76 -15.38 27.63 15.85
CA THR A 76 -16.04 28.08 17.10
C THR A 76 -17.44 28.65 16.90
N SER A 77 -18.28 28.46 17.91
CA SER A 77 -19.59 29.09 17.97
CA SER A 77 -19.60 29.09 17.97
C SER A 77 -19.65 30.16 19.07
N ASP A 78 -18.49 30.42 19.69
CA ASP A 78 -18.41 31.46 20.73
C ASP A 78 -18.05 32.80 20.06
N PRO A 79 -19.00 33.77 20.02
CA PRO A 79 -18.72 35.03 19.33
C PRO A 79 -17.54 35.85 19.88
N ALA A 80 -17.33 35.83 21.20
CA ALA A 80 -16.21 36.57 21.80
C ALA A 80 -14.87 35.95 21.38
N LEU A 81 -14.76 34.63 21.50
CA LEU A 81 -13.56 33.92 21.04
C LEU A 81 -13.34 34.11 19.54
N LYS A 82 -14.41 34.05 18.75
CA LYS A 82 -14.31 34.19 17.30
C LYS A 82 -13.69 35.55 16.91
N ALA A 83 -14.12 36.62 17.58
CA ALA A 83 -13.59 37.96 17.30
C ALA A 83 -12.12 38.08 17.71
N GLU A 84 -11.75 37.46 18.83
CA GLU A 84 -10.35 37.44 19.29
C GLU A 84 -9.46 36.69 18.28
N LEU A 85 -9.96 35.55 17.81
CA LEU A 85 -9.23 34.79 16.81
C LEU A 85 -9.10 35.53 15.49
N LYS A 86 -10.14 36.25 15.08
CA LYS A 86 -10.10 37.02 13.84
C LYS A 86 -9.02 38.10 13.90
N THR A 87 -8.94 38.79 15.04
CA THR A 87 -7.84 39.76 15.26
C THR A 87 -6.47 39.07 15.21
N GLN A 88 -6.38 37.90 15.83
CA GLN A 88 -5.14 37.15 15.88
C GLN A 88 -4.67 36.76 14.48
N ILE A 89 -5.61 36.51 13.56
CA ILE A 89 -5.21 36.23 12.17
C ILE A 89 -4.33 37.36 11.64
N ASP A 90 -4.75 38.61 11.87
CA ASP A 90 -3.96 39.75 11.43
C ASP A 90 -2.65 39.88 12.19
N ASP A 91 -2.69 39.68 13.51
CA ASP A 91 -1.49 39.83 14.34
C ASP A 91 -0.40 38.84 13.98
N VAL A 92 -0.78 37.59 13.67
CA VAL A 92 0.21 36.57 13.26
C VAL A 92 0.98 37.07 12.02
N TYR A 93 0.27 37.58 11.02
CA TYR A 93 0.92 38.15 9.84
C TYR A 93 1.84 39.31 10.21
N ASP A 94 1.33 40.26 11.01
CA ASP A 94 2.12 41.41 11.43
C ASP A 94 3.43 41.03 12.13
N GLY A 95 3.35 40.07 13.05
CA GLY A 95 4.55 39.63 13.76
C GLY A 95 5.59 39.02 12.84
N THR A 96 5.13 38.21 11.91
CA THR A 96 6.03 37.59 10.96
C THR A 96 6.64 38.60 10.01
N VAL A 97 5.83 39.54 9.54
CA VAL A 97 6.32 40.55 8.61
C VAL A 97 7.34 41.50 9.28
N ALA A 98 7.18 41.75 10.58
CA ALA A 98 8.11 42.61 11.31
C ALA A 98 9.51 42.00 11.34
N LYS A 99 9.56 40.67 11.40
CA LYS A 99 10.84 39.93 11.50
C LYS A 99 11.37 39.50 10.13
N TYR A 100 10.47 39.10 9.23
CA TYR A 100 10.86 38.46 7.96
C TYR A 100 10.57 39.28 6.70
N GLY A 101 9.92 40.43 6.86
CA GLY A 101 9.48 41.25 5.73
C GLY A 101 8.21 40.73 5.04
N GLN A 102 7.71 41.49 4.07
CA GLN A 102 6.51 41.14 3.29
C GLN A 102 6.82 40.35 2.03
N ASP A 103 8.06 40.47 1.53
CA ASP A 103 8.53 39.77 0.33
C ASP A 103 9.39 38.59 0.76
N TRP A 104 8.81 37.40 0.65
CA TRP A 104 9.47 36.18 1.11
C TRP A 104 10.29 35.49 0.02
N THR A 105 10.44 36.12 -1.14
CA THR A 105 11.14 35.48 -2.25
C THR A 105 12.66 35.43 -2.06
N ASN A 106 13.18 36.08 -1.02
CA ASN A 106 14.57 35.91 -0.55
C ASN A 106 14.84 34.64 0.26
N ASN A 107 13.79 33.92 0.59
CA ASN A 107 13.90 32.63 1.25
C ASN A 107 14.19 31.57 0.18
N PRO A 108 15.29 30.80 0.35
CA PRO A 108 15.65 29.80 -0.65
C PRO A 108 14.73 28.59 -0.69
N PHE A 109 13.87 28.43 0.31
CA PHE A 109 12.94 27.30 0.37
C PHE A 109 11.60 27.65 -0.32
N ASN A 110 11.33 27.02 -1.47
CA ASN A 110 10.07 27.28 -2.14
C ASN A 110 8.87 26.81 -1.34
N ASP A 111 9.05 25.73 -0.57
CA ASP A 111 7.98 25.28 0.33
C ASP A 111 7.65 26.33 1.38
N ASP A 112 8.66 26.89 2.05
CA ASP A 112 8.41 27.97 3.02
C ASP A 112 7.51 29.05 2.40
N ILE A 113 7.86 29.47 1.18
CA ILE A 113 7.12 30.53 0.48
C ILE A 113 5.69 30.07 0.26
N MET A 114 5.53 28.85 -0.23
CA MET A 114 4.21 28.34 -0.57
C MET A 114 3.31 28.11 0.63
N TRP A 115 3.87 27.67 1.76
CA TRP A 115 3.04 27.53 2.97
C TRP A 115 2.43 28.90 3.34
N TRP A 116 3.23 29.96 3.24
CA TRP A 116 2.76 31.33 3.49
C TRP A 116 1.81 31.85 2.41
N ALA A 117 2.04 31.49 1.15
CA ALA A 117 1.10 31.90 0.09
C ALA A 117 -0.28 31.27 0.32
N MET A 118 -0.30 29.99 0.70
CA MET A 118 -1.54 29.29 1.03
C MET A 118 -2.24 29.92 2.23
N GLY A 119 -1.49 30.19 3.30
CA GLY A 119 -2.08 30.80 4.49
C GLY A 119 -2.67 32.15 4.13
N SER A 120 -1.96 32.91 3.30
CA SER A 120 -2.38 34.25 2.89
C SER A 120 -3.70 34.21 2.09
N ALA A 121 -3.83 33.22 1.20
CA ALA A 121 -5.07 33.05 0.44
C ALA A 121 -6.25 32.81 1.40
N ARG A 122 -6.06 31.93 2.38
CA ARG A 122 -7.08 31.71 3.40
C ARG A 122 -7.40 32.96 4.24
N ALA A 123 -6.37 33.70 4.65
CA ALA A 123 -6.54 34.92 5.44
C ALA A 123 -7.35 35.96 4.64
N TYR A 124 -7.12 36.01 3.33
CA TYR A 124 -7.94 36.86 2.46
C TYR A 124 -9.42 36.46 2.47
N GLN A 125 -9.69 35.17 2.37
CA GLN A 125 -11.08 34.68 2.38
C GLN A 125 -11.80 35.06 3.65
N ILE A 126 -11.08 35.06 4.77
CA ILE A 126 -11.68 35.40 6.06
C ILE A 126 -11.84 36.90 6.29
N THR A 127 -10.82 37.69 5.93
CA THR A 127 -10.75 39.11 6.29
C THR A 127 -11.09 40.12 5.18
N GLY A 128 -10.82 39.73 3.93
CA GLY A 128 -10.95 40.64 2.78
C GLY A 128 -9.87 41.71 2.69
N ASN A 129 -8.80 41.58 3.48
CA ASN A 129 -7.73 42.58 3.50
C ASN A 129 -6.83 42.38 2.27
N PRO A 130 -6.78 43.38 1.37
CA PRO A 130 -6.07 43.15 0.11
C PRO A 130 -4.59 42.80 0.24
N ARG A 131 -3.97 43.11 1.38
CA ARG A 131 -2.57 42.74 1.53
C ARG A 131 -2.40 41.22 1.41
N TYR A 132 -3.43 40.44 1.78
CA TYR A 132 -3.33 38.97 1.76
C TYR A 132 -3.49 38.40 0.37
N LEU A 133 -4.39 38.97 -0.41
CA LEU A 133 -4.53 38.55 -1.82
C LEU A 133 -3.25 38.83 -2.61
N GLU A 134 -2.68 40.01 -2.43
CA GLU A 134 -1.37 40.37 -3.02
C GLU A 134 -0.28 39.39 -2.61
N ALA A 135 -0.20 39.08 -1.31
CA ALA A 135 0.81 38.15 -0.80
C ALA A 135 0.62 36.77 -1.41
N ALA A 136 -0.62 36.29 -1.44
CA ALA A 136 -0.87 34.95 -1.99
C ALA A 136 -0.51 34.88 -3.48
N ARG A 137 -1.04 35.83 -4.26
CA ARG A 137 -0.89 35.77 -5.72
C ARG A 137 0.57 36.01 -6.12
N ASP A 138 1.23 36.98 -5.48
CA ASP A 138 2.62 37.32 -5.86
C ASP A 138 3.57 36.16 -5.57
N HIS A 139 3.39 35.53 -4.41
CA HIS A 139 4.28 34.43 -4.05
C HIS A 139 3.96 33.14 -4.77
N PHE A 140 2.69 32.85 -5.00
CA PHE A 140 2.33 31.69 -5.83
C PHE A 140 2.96 31.84 -7.22
N ASP A 141 2.80 33.00 -7.83
CA ASP A 141 3.34 33.23 -9.18
C ASP A 141 4.85 33.09 -9.22
N PHE A 142 5.54 33.65 -8.23
CA PHE A 142 6.99 33.50 -8.16
C PHE A 142 7.36 32.01 -8.22
N VAL A 143 6.72 31.20 -7.39
CA VAL A 143 7.12 29.79 -7.34
C VAL A 143 6.67 29.05 -8.59
N TYR A 144 5.39 29.13 -8.94
CA TYR A 144 4.91 28.34 -10.07
C TYR A 144 5.52 28.77 -11.41
N ASP A 145 5.66 30.08 -11.61
CA ASP A 145 6.10 30.58 -12.91
C ASP A 145 7.61 30.42 -13.11
N THR A 146 8.39 30.37 -12.03
CA THR A 146 9.87 30.30 -12.15
C THR A 146 10.50 29.00 -11.65
N GLN A 147 9.75 28.21 -10.87
CA GLN A 147 10.33 27.01 -10.24
C GLN A 147 9.70 25.69 -10.71
N TRP A 148 8.76 25.75 -11.65
CA TRP A 148 8.29 24.55 -12.36
C TRP A 148 9.29 24.21 -13.46
N ASP A 149 9.57 22.91 -13.64
CA ASP A 149 10.47 22.46 -14.69
C ASP A 149 9.95 21.17 -15.31
N GLU A 150 9.92 21.12 -16.63
CA GLU A 150 9.45 19.96 -17.38
C GLU A 150 10.54 18.93 -17.66
N GLU A 151 11.81 19.32 -17.55
CA GLU A 151 12.90 18.44 -18.02
CA GLU A 151 12.90 18.45 -18.01
C GLU A 151 13.18 17.30 -17.05
N PHE A 152 13.56 17.62 -15.82
CA PHE A 152 13.85 16.61 -14.80
C PHE A 152 12.54 16.03 -14.27
N ALA A 153 12.43 14.70 -14.36
CA ALA A 153 11.25 13.97 -13.90
C ALA A 153 9.95 14.37 -14.60
N ASN A 154 10.05 14.97 -15.79
CA ASN A 154 8.89 15.23 -16.63
C ASN A 154 7.89 16.26 -16.02
N GLY A 155 8.35 17.09 -15.09
CA GLY A 155 7.49 18.07 -14.46
C GLY A 155 7.89 18.33 -13.02
N GLY A 156 7.08 19.12 -12.33
CA GLY A 156 7.22 19.34 -10.90
C GLY A 156 7.96 20.62 -10.53
N ILE A 157 7.66 21.10 -9.34
CA ILE A 157 8.29 22.26 -8.73
C ILE A 157 9.49 21.85 -7.89
N TRP A 158 10.60 22.55 -8.09
CA TRP A 158 11.81 22.39 -7.28
C TRP A 158 11.56 22.72 -5.80
N TRP A 159 12.23 21.99 -4.91
CA TRP A 159 12.16 22.27 -3.48
C TRP A 159 12.72 23.65 -3.13
N LEU A 160 13.88 23.97 -3.70
CA LEU A 160 14.60 25.20 -3.40
C LEU A 160 14.71 26.08 -4.64
N ASN A 161 14.82 27.39 -4.44
CA ASN A 161 15.15 28.30 -5.54
C ASN A 161 16.65 28.64 -5.61
N SER A 162 17.42 28.14 -4.64
CA SER A 162 18.88 28.33 -4.65
C SER A 162 19.56 27.26 -5.51
N ASP A 163 19.35 26.01 -5.14
CA ASP A 163 19.93 24.86 -5.84
C ASP A 163 18.75 24.02 -6.34
N HIS A 164 18.88 23.50 -7.56
CA HIS A 164 17.84 22.67 -8.16
C HIS A 164 18.25 21.20 -8.25
N ASN A 165 18.04 20.48 -7.14
CA ASN A 165 18.45 19.07 -7.02
C ASN A 165 17.33 18.08 -6.69
N THR A 166 16.20 18.60 -6.19
CA THR A 166 15.09 17.74 -5.79
CA THR A 166 15.09 17.73 -5.79
C THR A 166 13.74 18.44 -5.97
N LYS A 167 12.72 17.62 -6.23
CA LYS A 167 11.33 18.05 -6.34
C LYS A 167 10.53 17.24 -5.31
N ASN A 168 9.85 17.95 -4.42
CA ASN A 168 9.39 17.34 -3.16
C ASN A 168 7.87 17.44 -3.01
N ALA A 169 7.30 16.45 -2.32
CA ALA A 169 5.86 16.47 -2.03
C ALA A 169 5.46 17.71 -1.23
N CYS A 170 6.39 18.14 -0.36
CA CYS A 170 6.10 19.22 0.57
C CYS A 170 6.06 20.61 -0.06
N ILE A 171 6.48 20.71 -1.33
CA ILE A 171 6.20 21.92 -2.14
C ILE A 171 5.08 21.64 -3.15
N ASN A 172 5.10 20.49 -3.82
CA ASN A 172 4.15 20.28 -4.90
C ASN A 172 2.69 20.17 -4.48
N PHE A 173 2.38 19.39 -3.44
CA PHE A 173 0.97 19.30 -3.05
C PHE A 173 0.44 20.56 -2.40
N PRO A 174 1.24 21.22 -1.53
CA PRO A 174 0.82 22.54 -1.04
C PRO A 174 0.61 23.59 -2.14
N ALA A 175 1.42 23.50 -3.22
CA ALA A 175 1.23 24.38 -4.36
C ALA A 175 -0.11 24.14 -5.04
N ALA A 176 -0.48 22.88 -5.22
CA ALA A 176 -1.80 22.55 -5.76
C ALA A 176 -2.91 23.13 -4.86
N GLN A 177 -2.75 22.98 -3.54
CA GLN A 177 -3.75 23.52 -2.61
C GLN A 177 -3.85 25.05 -2.70
N ALA A 178 -2.71 25.73 -2.75
CA ALA A 178 -2.72 27.18 -2.88
C ALA A 178 -3.43 27.60 -4.17
N ALA A 179 -3.13 26.91 -5.26
CA ALA A 179 -3.83 27.15 -6.54
C ALA A 179 -5.35 26.97 -6.41
N LEU A 180 -5.78 25.95 -5.67
CA LEU A 180 -7.21 25.73 -5.47
C LEU A 180 -7.85 26.88 -4.69
N TYR A 181 -7.19 27.36 -3.64
CA TYR A 181 -7.74 28.52 -2.91
C TYR A 181 -7.81 29.77 -3.80
N LEU A 182 -6.76 30.00 -4.58
CA LEU A 182 -6.75 31.16 -5.49
C LEU A 182 -7.81 31.04 -6.58
N TYR A 183 -8.07 29.83 -7.07
CA TYR A 183 -9.16 29.61 -8.01
C TYR A 183 -10.48 29.94 -7.35
N ASP A 184 -10.67 29.49 -6.11
CA ASP A 184 -11.91 29.76 -5.38
C ASP A 184 -12.15 31.26 -5.23
N ILE A 185 -11.10 32.04 -4.93
CA ILE A 185 -11.19 33.49 -4.77
C ILE A 185 -11.47 34.20 -6.09
N THR A 186 -10.67 33.88 -7.11
CA THR A 186 -10.65 34.64 -8.36
C THR A 186 -11.53 34.12 -9.48
N LYS A 187 -11.83 32.82 -9.44
CA LYS A 187 -12.44 32.08 -10.57
C LYS A 187 -11.62 32.15 -11.87
N ASP A 188 -10.33 32.45 -11.75
CA ASP A 188 -9.44 32.54 -12.89
C ASP A 188 -8.99 31.12 -13.20
N GLU A 189 -9.33 30.63 -14.39
CA GLU A 189 -9.07 29.24 -14.76
C GLU A 189 -7.57 28.93 -14.74
N HIS A 190 -6.74 29.96 -14.87
CA HIS A 190 -5.29 29.80 -14.68
C HIS A 190 -4.95 28.95 -13.44
N TYR A 191 -5.59 29.26 -12.32
CA TYR A 191 -5.31 28.56 -11.07
C TYR A 191 -5.86 27.13 -11.02
N LEU A 192 -7.04 26.89 -11.58
CA LEU A 192 -7.51 25.51 -11.65
C LEU A 192 -6.61 24.65 -12.57
N ASN A 193 -6.18 25.24 -13.68
CA ASN A 193 -5.29 24.54 -14.59
C ASN A 193 -3.96 24.23 -13.94
N ALA A 194 -3.45 25.15 -13.13
CA ALA A 194 -2.21 24.90 -12.38
C ALA A 194 -2.40 23.76 -11.38
N ALA A 195 -3.49 23.80 -10.61
CA ALA A 195 -3.74 22.74 -9.63
C ALA A 195 -3.80 21.39 -10.30
N THR A 196 -4.50 21.34 -11.43
CA THR A 196 -4.69 20.08 -12.15
C THR A 196 -3.36 19.50 -12.65
N LYS A 197 -2.54 20.38 -13.23
CA LYS A 197 -1.23 19.99 -13.77
C LYS A 197 -0.27 19.54 -12.67
N ILE A 198 -0.20 20.31 -11.59
CA ILE A 198 0.69 19.96 -10.49
C ILE A 198 0.27 18.63 -9.87
N PHE A 199 -1.02 18.48 -9.59
CA PHE A 199 -1.51 17.26 -8.96
C PHE A 199 -1.30 16.04 -9.86
N ARG A 200 -1.57 16.18 -11.16
CA ARG A 200 -1.35 15.04 -12.06
C ARG A 200 0.09 14.56 -12.04
N TRP A 201 1.02 15.51 -12.09
CA TRP A 201 2.45 15.20 -12.02
C TRP A 201 2.77 14.53 -10.68
N GLY A 202 2.27 15.10 -9.58
CA GLY A 202 2.58 14.56 -8.27
C GLY A 202 2.00 13.17 -8.05
N LYS A 203 0.78 12.93 -8.52
CA LYS A 203 0.21 11.60 -8.40
C LYS A 203 1.06 10.59 -9.17
N THR A 204 1.52 10.99 -10.37
CA THR A 204 2.27 10.09 -11.22
C THR A 204 3.68 9.80 -10.71
N MET A 205 4.38 10.85 -10.28
CA MET A 205 5.80 10.78 -9.96
C MET A 205 6.12 10.66 -8.46
N LEU A 206 5.20 11.12 -7.60
CA LEU A 206 5.41 11.12 -6.16
C LEU A 206 4.40 10.28 -5.40
N THR A 207 3.74 9.35 -6.07
CA THR A 207 2.96 8.31 -5.36
C THR A 207 3.11 6.97 -6.05
N ASP A 208 2.69 5.92 -5.35
CA ASP A 208 2.64 4.58 -5.94
C ASP A 208 1.34 4.28 -6.71
N GLY A 209 0.45 5.25 -6.84
CA GLY A 209 -0.85 5.05 -7.47
C GLY A 209 -1.90 4.42 -6.57
N ASN A 210 -1.50 4.04 -5.36
CA ASN A 210 -2.42 3.47 -4.38
C ASN A 210 -2.37 4.15 -3.02
N GLY A 211 -2.04 5.44 -3.05
CA GLY A 211 -2.17 6.28 -1.87
C GLY A 211 -0.93 6.47 -1.02
N LYS A 212 0.18 5.79 -1.34
CA LYS A 212 1.45 6.06 -0.66
C LYS A 212 2.14 7.24 -1.32
N VAL A 213 2.34 8.33 -0.56
CA VAL A 213 2.98 9.54 -1.11
C VAL A 213 4.47 9.53 -0.77
N PHE A 214 5.29 9.63 -1.81
CA PHE A 214 6.74 9.66 -1.68
C PHE A 214 7.23 11.04 -1.25
N ASP A 215 8.33 11.08 -0.51
CA ASP A 215 8.87 12.33 -0.04
C ASP A 215 9.32 13.26 -1.17
N ARG A 216 10.05 12.72 -2.13
CA ARG A 216 10.73 13.53 -3.11
C ARG A 216 11.29 12.68 -4.23
N ILE A 217 11.68 13.34 -5.32
CA ILE A 217 12.45 12.72 -6.39
C ILE A 217 13.74 13.56 -6.52
N GLU A 218 14.88 12.88 -6.35
CA GLU A 218 16.21 13.51 -6.31
C GLU A 218 16.95 13.29 -7.63
N ILE A 219 17.50 14.36 -8.19
CA ILE A 219 18.23 14.23 -9.45
C ILE A 219 19.46 13.35 -9.21
N GLU A 220 19.76 12.49 -10.19
CA GLU A 220 20.83 11.49 -10.13
C GLU A 220 20.56 10.30 -9.18
N HIS A 221 19.35 10.24 -8.63
CA HIS A 221 18.95 9.12 -7.76
C HIS A 221 17.59 8.54 -8.16
N GLY A 222 16.57 9.38 -8.20
CA GLY A 222 15.20 8.92 -8.41
C GLY A 222 14.33 9.16 -7.18
N ALA A 223 13.21 8.46 -7.12
CA ALA A 223 12.26 8.65 -6.03
C ALA A 223 12.82 8.16 -4.69
N VAL A 224 12.44 8.86 -3.62
CA VAL A 224 12.73 8.47 -2.25
C VAL A 224 11.37 8.15 -1.62
N PRO A 225 11.00 6.86 -1.53
CA PRO A 225 9.62 6.48 -1.22
C PRO A 225 9.36 6.38 0.29
N ASP A 226 9.71 7.44 0.99
CA ASP A 226 9.45 7.56 2.41
C ASP A 226 8.20 8.41 2.61
N ALA A 227 7.20 7.82 3.26
CA ALA A 227 5.93 8.50 3.51
C ALA A 227 5.88 9.12 4.89
N THR A 228 5.19 10.26 4.99
CA THR A 228 5.04 10.99 6.24
C THR A 228 3.63 11.58 6.35
N HIS A 229 3.21 11.90 7.57
CA HIS A 229 1.88 12.45 7.79
C HIS A 229 1.56 13.69 6.97
N TYR A 230 2.49 14.65 6.96
CA TYR A 230 2.13 15.91 6.33
C TYR A 230 1.98 15.81 4.82
N ASN A 231 2.73 14.91 4.19
CA ASN A 231 2.63 14.73 2.74
C ASN A 231 1.40 13.90 2.38
N GLN A 232 1.04 12.90 3.19
CA GLN A 232 -0.29 12.29 3.04
C GLN A 232 -1.37 13.38 3.10
N GLY A 233 -1.24 14.28 4.07
CA GLY A 233 -2.25 15.30 4.29
C GLY A 233 -2.46 16.24 3.12
N THR A 234 -1.38 16.81 2.59
CA THR A 234 -1.53 17.78 1.51
C THR A 234 -1.94 17.11 0.22
N TYR A 235 -1.52 15.88 0.00
CA TYR A 235 -2.04 15.11 -1.15
C TYR A 235 -3.56 14.95 -0.99
N ILE A 236 -4.01 14.55 0.19
CA ILE A 236 -5.46 14.35 0.42
C ILE A 236 -6.26 15.64 0.24
N GLY A 237 -5.77 16.74 0.80
CA GLY A 237 -6.47 18.00 0.70
C GLY A 237 -6.55 18.49 -0.73
N SER A 238 -5.44 18.36 -1.47
CA SER A 238 -5.45 18.77 -2.87
C SER A 238 -6.40 17.89 -3.70
N ALA A 239 -6.46 16.61 -3.40
CA ALA A 239 -7.36 15.69 -4.12
C ALA A 239 -8.83 16.06 -3.82
N VAL A 240 -9.16 16.30 -2.55
CA VAL A 240 -10.53 16.72 -2.19
C VAL A 240 -10.91 18.04 -2.85
N GLY A 241 -9.98 19.00 -2.84
CA GLY A 241 -10.24 20.28 -3.46
C GLY A 241 -10.48 20.16 -4.96
N LEU A 242 -9.70 19.30 -5.61
CA LEU A 242 -9.85 19.07 -7.04
C LEU A 242 -11.19 18.37 -7.33
N TYR A 243 -11.58 17.41 -6.49
CA TYR A 243 -12.89 16.79 -6.64
C TYR A 243 -14.02 17.83 -6.63
N LYS A 244 -13.96 18.74 -5.66
CA LYS A 244 -14.99 19.78 -5.51
C LYS A 244 -14.99 20.77 -6.67
N ALA A 245 -13.81 21.12 -7.20
CA ALA A 245 -13.69 22.09 -8.29
C ALA A 245 -14.01 21.54 -9.68
N THR A 246 -13.82 20.23 -9.89
CA THR A 246 -13.92 19.64 -11.23
C THR A 246 -15.08 18.67 -11.43
N GLY A 247 -15.59 18.10 -10.35
CA GLY A 247 -16.62 17.05 -10.44
C GLY A 247 -16.10 15.71 -10.93
N ASN A 248 -14.78 15.51 -10.90
CA ASN A 248 -14.21 14.24 -11.36
C ASN A 248 -14.00 13.33 -10.17
N ALA A 249 -14.79 12.27 -10.12
CA ALA A 249 -14.79 11.32 -8.98
C ALA A 249 -13.45 10.60 -8.75
N VAL A 250 -12.60 10.54 -9.76
CA VAL A 250 -11.26 9.95 -9.58
C VAL A 250 -10.51 10.64 -8.44
N TYR A 251 -10.66 11.97 -8.31
CA TYR A 251 -9.98 12.70 -7.24
C TYR A 251 -10.43 12.27 -5.83
N LEU A 252 -11.72 12.00 -5.66
CA LEU A 252 -12.20 11.56 -4.36
C LEU A 252 -11.65 10.15 -4.08
N ASP A 253 -11.61 9.32 -5.10
CA ASP A 253 -10.97 8.01 -4.96
C ASP A 253 -9.49 8.12 -4.57
N ASP A 254 -8.78 9.05 -5.21
CA ASP A 254 -7.38 9.30 -4.88
C ASP A 254 -7.22 9.62 -3.38
N ALA A 255 -8.09 10.52 -2.89
CA ALA A 255 -8.07 10.94 -1.48
C ALA A 255 -8.35 9.76 -0.54
N VAL A 256 -9.35 8.96 -0.87
CA VAL A 256 -9.70 7.82 -0.07
C VAL A 256 -8.53 6.81 0.03
N LYS A 257 -7.88 6.52 -1.09
CA LYS A 257 -6.75 5.59 -1.08
CA LYS A 257 -6.76 5.57 -1.06
C LYS A 257 -5.61 6.10 -0.17
N ALA A 258 -5.34 7.40 -0.23
CA ALA A 258 -4.28 7.97 0.62
C ALA A 258 -4.65 8.00 2.10
N ALA A 259 -5.94 8.17 2.38
CA ALA A 259 -6.40 8.11 3.77
C ALA A 259 -6.29 6.68 4.32
N LYS A 260 -6.67 5.68 3.51
CA LYS A 260 -6.54 4.29 3.89
C LYS A 260 -5.09 3.92 4.15
N PHE A 261 -4.19 4.39 3.28
CA PHE A 261 -2.77 4.09 3.47
C PHE A 261 -2.30 4.65 4.81
N THR A 262 -2.71 5.88 5.11
CA THR A 262 -2.31 6.51 6.35
C THR A 262 -2.78 5.69 7.56
N LYS A 263 -4.07 5.34 7.54
CA LYS A 263 -4.75 4.62 8.65
C LYS A 263 -4.14 3.25 8.90
N ASN A 264 -3.63 2.61 7.84
CA ASN A 264 -3.08 1.26 7.95
C ASN A 264 -1.57 1.20 8.10
N HIS A 265 -0.87 2.23 7.65
CA HIS A 265 0.60 2.17 7.49
C HIS A 265 1.43 3.26 8.13
N LEU A 266 0.77 4.28 8.68
CA LEU A 266 1.49 5.34 9.40
C LEU A 266 0.97 5.46 10.86
N VAL A 267 0.65 4.28 11.41
CA VAL A 267 0.11 4.10 12.74
C VAL A 267 0.90 3.04 13.51
N ASP A 268 0.74 3.05 14.83
CA ASP A 268 1.31 2.02 15.68
C ASP A 268 0.41 0.77 15.67
N SER A 269 0.76 -0.25 16.48
CA SER A 269 0.04 -1.52 16.47
C SER A 269 -1.40 -1.42 17.02
N ASN A 270 -1.72 -0.29 17.68
CA ASN A 270 -3.09 -0.03 18.13
C ASN A 270 -3.90 0.88 17.21
N GLY A 271 -3.29 1.34 16.13
CA GLY A 271 -3.96 2.23 15.18
C GLY A 271 -3.85 3.71 15.51
N VAL A 272 -3.03 4.06 16.50
CA VAL A 272 -2.80 5.46 16.83
C VAL A 272 -1.73 5.99 15.87
N LEU A 273 -2.01 7.12 15.26
CA LEU A 273 -1.00 7.77 14.40
C LEU A 273 0.39 7.83 15.05
N ASN A 274 1.43 7.55 14.25
CA ASN A 274 2.81 7.55 14.69
C ASN A 274 3.27 8.88 15.24
N TYR A 275 4.25 8.83 16.13
CA TYR A 275 5.02 9.99 16.49
C TYR A 275 6.27 10.03 15.61
N GLU A 276 6.39 11.08 14.80
CA GLU A 276 7.48 11.17 13.80
C GLU A 276 8.82 11.84 14.21
N GLY A 277 9.07 12.06 15.48
CA GLY A 277 10.44 12.51 15.86
C GLY A 277 11.62 11.58 15.47
N PRO A 278 12.87 12.05 15.56
CA PRO A 278 13.23 13.29 16.22
C PRO A 278 13.28 14.53 15.34
N ASN A 279 13.20 14.37 14.01
CA ASN A 279 13.26 15.53 13.15
C ASN A 279 12.19 16.57 13.52
N GLY A 280 12.61 17.81 13.77
CA GLY A 280 11.73 18.85 14.27
C GLY A 280 10.58 19.18 13.33
N ASP A 281 10.86 19.18 12.02
CA ASP A 281 9.81 19.47 11.04
C ASP A 281 8.70 18.43 11.01
N LEU A 282 9.05 17.16 11.23
CA LEU A 282 8.07 16.07 11.16
C LEU A 282 7.26 15.89 12.45
N LYS A 283 7.81 16.32 13.58
CA LYS A 283 7.18 16.05 14.89
C LYS A 283 5.74 16.52 14.97
N GLY A 284 5.48 17.66 14.33
CA GLY A 284 4.15 18.27 14.32
C GLY A 284 3.30 17.97 13.08
N GLY A 285 3.77 17.08 12.22
CA GLY A 285 3.08 16.82 10.94
C GLY A 285 1.65 16.35 11.05
N LYS A 286 1.30 15.69 12.15
CA LYS A 286 -0.08 15.31 12.41
C LYS A 286 -1.01 16.53 12.33
N THR A 287 -0.50 17.72 12.59
CA THR A 287 -1.31 18.93 12.48
C THR A 287 -1.85 19.09 11.05
N ILE A 288 -0.94 19.03 10.07
CA ILE A 288 -1.32 19.15 8.68
C ILE A 288 -2.19 17.96 8.24
N LEU A 289 -1.82 16.77 8.67
CA LEU A 289 -2.65 15.60 8.35
C LEU A 289 -4.10 15.77 8.84
N MET A 290 -4.27 16.12 10.11
CA MET A 290 -5.62 16.22 10.65
C MET A 290 -6.43 17.29 9.94
N ARG A 291 -5.82 18.43 9.65
CA ARG A 291 -6.50 19.51 8.93
C ARG A 291 -7.13 18.99 7.64
N ASN A 292 -6.38 18.18 6.90
CA ASN A 292 -6.82 17.69 5.61
C ASN A 292 -7.73 16.47 5.69
N LEU A 293 -7.51 15.60 6.68
CA LEU A 293 -8.45 14.49 6.92
C LEU A 293 -9.85 15.04 7.24
N ALA A 294 -9.93 16.16 7.94
CA ALA A 294 -11.22 16.80 8.21
C ALA A 294 -11.96 17.19 6.91
N HIS A 295 -11.24 17.69 5.92
CA HIS A 295 -11.84 17.97 4.60
C HIS A 295 -12.43 16.71 3.96
N LEU A 296 -11.69 15.61 3.98
CA LEU A 296 -12.20 14.37 3.42
C LEU A 296 -13.45 13.89 4.18
N GLN A 297 -13.38 13.92 5.52
CA GLN A 297 -14.51 13.52 6.36
C GLN A 297 -15.78 14.32 6.02
N LYS A 298 -15.63 15.63 5.89
CA LYS A 298 -16.76 16.50 5.53
C LYS A 298 -17.37 16.11 4.18
N THR A 299 -16.52 15.91 3.18
CA THR A 299 -16.97 15.56 1.84
C THR A 299 -17.64 14.18 1.79
N LEU A 300 -17.10 13.22 2.52
CA LEU A 300 -17.75 11.89 2.59
C LEU A 300 -19.09 11.95 3.30
N ASP A 301 -19.16 12.69 4.41
CA ASP A 301 -20.43 12.89 5.11
C ASP A 301 -21.48 13.59 4.21
N GLU A 302 -21.00 14.62 3.50
CA GLU A 302 -21.86 15.41 2.61
C GLU A 302 -22.42 14.60 1.43
N THR A 303 -21.54 13.88 0.75
CA THR A 303 -21.91 13.21 -0.51
C THR A 303 -22.52 11.83 -0.31
N GLY A 304 -22.25 11.22 0.84
CA GLY A 304 -22.60 9.83 1.11
C GLY A 304 -21.79 8.80 0.32
N GLN A 305 -20.71 9.22 -0.34
CA GLN A 305 -19.89 8.30 -1.10
C GLN A 305 -19.00 7.50 -0.14
N TYR A 306 -18.58 6.30 -0.56
CA TYR A 306 -17.73 5.42 0.25
C TYR A 306 -18.29 5.25 1.66
N PRO A 307 -19.56 4.82 1.78
CA PRO A 307 -20.15 4.78 3.11
C PRO A 307 -19.47 3.81 4.09
N GLU A 308 -19.02 2.65 3.60
CA GLU A 308 -18.30 1.69 4.45
C GLU A 308 -17.04 2.31 5.01
N PHE A 309 -16.20 2.85 4.12
CA PHE A 309 -14.98 3.50 4.56
C PHE A 309 -15.27 4.69 5.46
N SER A 310 -16.28 5.49 5.13
CA SER A 310 -16.59 6.68 5.92
C SER A 310 -16.85 6.30 7.39
N ALA A 311 -17.61 5.24 7.61
CA ALA A 311 -17.88 4.78 8.97
C ALA A 311 -16.59 4.35 9.69
N GLU A 312 -15.77 3.55 9.01
CA GLU A 312 -14.49 3.10 9.56
C GLU A 312 -13.54 4.27 9.88
N PHE A 313 -13.45 5.20 8.92
CA PHE A 313 -12.62 6.41 9.01
C PHE A 313 -13.06 7.28 10.20
N ASP A 314 -14.36 7.52 10.32
CA ASP A 314 -14.89 8.32 11.43
C ASP A 314 -14.55 7.70 12.80
N GLU A 315 -14.70 6.39 12.91
CA GLU A 315 -14.42 5.68 14.16
C GLU A 315 -12.93 5.77 14.52
N TRP A 316 -12.09 5.57 13.50
CA TRP A 316 -10.64 5.66 13.69
C TRP A 316 -10.18 7.07 14.08
N LEU A 317 -10.74 8.09 13.43
CA LEU A 317 -10.44 9.48 13.80
C LEU A 317 -10.82 9.78 15.26
N ALA A 318 -12.04 9.40 15.63
CA ALA A 318 -12.53 9.64 17.00
C ALA A 318 -11.65 8.93 18.05
N PHE A 319 -11.25 7.71 17.74
CA PHE A 319 -10.31 6.95 18.57
C PHE A 319 -8.98 7.68 18.79
N ASN A 320 -8.38 8.14 17.70
CA ASN A 320 -7.15 8.90 17.79
C ASN A 320 -7.30 10.16 18.65
N ILE A 321 -8.39 10.89 18.43
CA ILE A 321 -8.64 12.13 19.15
C ILE A 321 -8.82 11.86 20.66
N GLU A 322 -9.58 10.83 20.99
CA GLU A 322 -9.78 10.48 22.39
C GLU A 322 -8.51 10.01 23.08
N MET A 323 -7.71 9.19 22.39
CA MET A 323 -6.42 8.79 22.97
C MET A 323 -5.51 10.00 23.19
N ALA A 324 -5.41 10.86 22.19
CA ALA A 324 -4.57 12.05 22.32
C ALA A 324 -5.00 12.89 23.53
N TRP A 325 -6.28 13.21 23.62
CA TRP A 325 -6.76 14.10 24.69
C TRP A 325 -6.69 13.47 26.09
N SER A 326 -6.65 12.15 26.14
CA SER A 326 -6.48 11.46 27.42
C SER A 326 -5.08 11.65 28.01
N HIS A 327 -4.14 12.19 27.23
CA HIS A 327 -2.80 12.50 27.70
C HIS A 327 -2.60 13.98 27.94
N GLN A 328 -3.68 14.76 27.93
CA GLN A 328 -3.54 16.20 28.19
C GLN A 328 -3.01 16.39 29.60
N ASN A 329 -2.20 17.43 29.77
CA ASN A 329 -1.75 17.81 31.10
C ASN A 329 -2.77 18.75 31.75
N SER A 330 -2.47 19.26 32.94
CA SER A 330 -3.43 20.07 33.69
C SER A 330 -3.75 21.43 33.05
N ASP A 331 -2.87 21.88 32.15
CA ASP A 331 -3.11 23.11 31.37
C ASP A 331 -3.82 22.84 30.04
N HIS A 332 -4.29 21.61 29.85
CA HIS A 332 -4.99 21.20 28.64
C HIS A 332 -4.13 21.24 27.37
N ILE A 333 -2.84 20.92 27.54
CA ILE A 333 -1.87 20.81 26.45
C ILE A 333 -1.56 19.32 26.24
N VAL A 334 -1.52 18.91 24.96
CA VAL A 334 -1.26 17.52 24.59
C VAL A 334 0.00 17.43 23.75
N ASP A 335 1.01 16.73 24.26
CA ASP A 335 2.24 16.48 23.51
C ASP A 335 1.94 15.60 22.30
N GLY A 336 2.77 15.74 21.28
CA GLY A 336 2.61 15.02 20.03
C GLY A 336 2.75 13.52 20.08
N ASN A 337 3.32 12.96 21.16
CA ASN A 337 3.33 11.51 21.35
CA ASN A 337 3.31 11.51 21.28
C ASN A 337 1.98 11.04 21.89
N TRP A 338 1.02 10.84 21.00
CA TRP A 338 -0.35 10.53 21.36
C TRP A 338 -0.54 9.18 22.07
N ALA A 339 0.42 8.29 21.87
CA ALA A 339 0.40 6.96 22.49
C ALA A 339 0.99 6.94 23.91
N GLY A 340 1.57 8.05 24.36
CA GLY A 340 2.24 8.07 25.67
C GLY A 340 2.29 9.38 26.43
N GLN A 341 3.15 9.39 27.46
CA GLN A 341 3.37 10.52 28.39
C GLN A 341 3.02 11.91 27.86
N GLY A 345 7.55 17.88 31.36
CA GLY A 345 8.44 19.04 31.40
C GLY A 345 8.11 20.11 30.37
N THR A 346 8.91 20.17 29.30
CA THR A 346 8.76 21.18 28.26
C THR A 346 7.91 20.68 27.08
N TYR A 347 6.90 21.47 26.73
CA TYR A 347 6.02 21.17 25.60
C TYR A 347 6.38 22.08 24.43
N GLU A 348 6.27 21.54 23.21
CA GLU A 348 6.64 22.24 21.99
C GLU A 348 5.38 22.60 21.23
N SER A 349 5.34 23.80 20.69
CA SER A 349 4.12 24.27 20.04
C SER A 349 3.76 23.49 18.77
N TRP A 350 4.74 23.04 17.99
CA TRP A 350 4.43 22.31 16.76
C TRP A 350 3.89 20.92 17.11
N SER A 351 4.61 20.18 17.97
CA SER A 351 4.12 18.86 18.35
CA SER A 351 4.17 18.88 18.45
C SER A 351 2.75 18.95 19.06
N SER A 352 2.55 19.98 19.88
CA SER A 352 1.29 20.13 20.62
C SER A 352 0.12 20.65 19.80
N ALA A 353 0.39 21.20 18.61
CA ALA A 353 -0.67 21.78 17.79
C ALA A 353 -1.63 20.72 17.25
N ALA A 354 -1.15 19.50 17.05
CA ALA A 354 -1.95 18.50 16.35
C ALA A 354 -3.25 18.16 17.08
N ALA A 355 -3.17 18.03 18.41
CA ALA A 355 -4.37 17.75 19.19
C ALA A 355 -5.39 18.88 19.14
N VAL A 356 -4.89 20.13 19.05
CA VAL A 356 -5.76 21.30 18.97
C VAL A 356 -6.46 21.30 17.60
N GLN A 357 -5.66 21.09 16.55
CA GLN A 357 -6.18 20.99 15.20
C GLN A 357 -7.30 19.95 15.12
N ALA A 358 -7.07 18.81 15.75
CA ALA A 358 -8.01 17.69 15.71
C ALA A 358 -9.41 18.02 16.24
N LEU A 359 -9.50 19.00 17.15
CA LEU A 359 -10.76 19.42 17.73
C LEU A 359 -11.35 20.66 17.04
N ASN A 360 -10.68 21.14 16.00
CA ASN A 360 -11.09 22.34 15.25
C ASN A 360 -11.17 22.05 13.73
N GLY A 361 -11.58 20.83 13.41
CA GLY A 361 -11.64 20.40 12.00
C GLY A 361 -12.77 21.06 11.23
N ILE A 362 -12.47 21.44 9.97
CA ILE A 362 -13.46 22.08 9.09
C ILE A 362 -13.41 21.53 7.67
N HIS B 6 18.55 -31.64 -13.57
CA HIS B 6 17.53 -30.55 -13.54
C HIS B 6 16.38 -30.93 -14.51
N HIS B 7 15.73 -29.96 -15.17
CA HIS B 7 14.38 -30.22 -15.69
C HIS B 7 14.29 -31.04 -16.98
N HIS B 8 13.24 -31.86 -17.05
CA HIS B 8 12.91 -32.64 -18.23
C HIS B 8 12.16 -31.82 -19.28
N HIS B 9 12.31 -32.24 -20.53
CA HIS B 9 11.67 -31.59 -21.68
C HIS B 9 11.07 -32.64 -22.59
N HIS B 10 10.10 -32.22 -23.40
CA HIS B 10 9.40 -33.12 -24.31
C HIS B 10 8.58 -32.27 -25.27
N SER B 11 8.58 -32.57 -26.56
CA SER B 11 7.65 -31.85 -27.49
C SER B 11 6.17 -32.16 -27.10
N SER B 12 5.15 -31.47 -27.61
CA SER B 12 5.17 -30.60 -28.78
C SER B 12 4.00 -29.61 -28.71
N SER B 26 19.35 -27.97 6.76
CA SER B 26 18.83 -26.61 6.77
C SER B 26 17.54 -26.48 7.57
N ASP B 27 17.19 -25.25 7.91
CA ASP B 27 15.90 -24.96 8.48
C ASP B 27 14.80 -25.42 7.50
N GLY B 28 15.03 -25.28 6.18
CA GLY B 28 14.06 -25.77 5.17
C GLY B 28 13.78 -27.26 5.25
N ASP B 29 14.83 -28.05 5.46
CA ASP B 29 14.72 -29.49 5.65
C ASP B 29 13.92 -29.80 6.92
N THR B 30 14.30 -29.15 8.02
CA THR B 30 13.62 -29.34 9.31
C THR B 30 12.14 -29.00 9.19
N ALA B 31 11.85 -27.86 8.56
CA ALA B 31 10.46 -27.41 8.39
C ALA B 31 9.63 -28.40 7.58
N MET B 32 10.20 -28.90 6.49
CA MET B 32 9.49 -29.81 5.61
C MET B 32 9.26 -31.16 6.31
N LYS B 33 10.29 -31.65 7.00
CA LYS B 33 10.15 -32.91 7.71
C LYS B 33 9.06 -32.84 8.77
N ALA B 34 9.05 -31.73 9.53
CA ALA B 34 8.06 -31.50 10.57
C ALA B 34 6.65 -31.42 10.00
N PHE B 35 6.51 -30.72 8.88
CA PHE B 35 5.22 -30.58 8.19
C PHE B 35 4.69 -31.95 7.76
N ASN B 36 5.55 -32.77 7.16
CA ASN B 36 5.16 -34.11 6.78
C ASN B 36 4.82 -34.99 8.00
N ASP B 37 5.65 -34.90 9.04
CA ASP B 37 5.42 -35.69 10.26
C ASP B 37 4.05 -35.37 10.88
N THR B 38 3.66 -34.11 10.80
CA THR B 38 2.41 -33.64 11.39
C THR B 38 1.18 -33.90 10.48
N PHE B 39 1.31 -33.72 9.17
CA PHE B 39 0.14 -33.67 8.27
C PHE B 39 0.04 -34.73 7.17
N TRP B 40 1.12 -35.42 6.86
CA TRP B 40 1.08 -36.37 5.75
C TRP B 40 0.41 -37.67 6.17
N ASP B 41 -0.55 -38.13 5.36
CA ASP B 41 -1.21 -39.42 5.54
C ASP B 41 -0.61 -40.42 4.55
N PRO B 42 0.27 -41.31 5.04
CA PRO B 42 0.91 -42.24 4.09
C PRO B 42 -0.02 -43.32 3.55
N ASN B 43 -1.18 -43.52 4.19
CA ASN B 43 -2.14 -44.52 3.72
C ASN B 43 -2.92 -43.99 2.52
N ALA B 44 -3.53 -42.83 2.70
CA ALA B 44 -4.30 -42.19 1.62
C ALA B 44 -3.43 -41.46 0.61
N LYS B 45 -2.16 -41.23 0.96
CA LYS B 45 -1.22 -40.46 0.15
C LYS B 45 -1.78 -39.06 -0.13
N MET B 46 -2.24 -38.43 0.95
CA MET B 46 -2.79 -37.07 0.91
CA MET B 46 -2.79 -37.10 0.90
C MET B 46 -2.46 -36.37 2.22
N PHE B 47 -2.38 -35.04 2.20
CA PHE B 47 -2.24 -34.31 3.46
C PHE B 47 -3.56 -34.20 4.18
N TRP B 48 -3.51 -34.31 5.51
CA TRP B 48 -4.63 -33.97 6.37
C TRP B 48 -4.80 -32.44 6.41
N LYS B 49 -6.04 -32.01 6.58
CA LYS B 49 -6.37 -30.58 6.65
C LYS B 49 -5.91 -29.98 7.97
N ASP B 50 -5.93 -30.78 9.04
CA ASP B 50 -5.39 -30.32 10.31
C ASP B 50 -4.87 -31.50 11.12
N SER B 51 -4.27 -31.17 12.27
CA SER B 51 -3.54 -32.16 13.08
C SER B 51 -4.44 -33.13 13.85
N LYS B 52 -5.77 -32.93 13.80
CA LYS B 52 -6.71 -33.94 14.32
C LYS B 52 -6.81 -35.16 13.39
N ARG B 53 -6.35 -34.97 12.15
CA ARG B 53 -6.26 -36.04 11.16
CA ARG B 53 -6.26 -36.06 11.16
C ARG B 53 -7.62 -36.73 10.92
N GLU B 54 -8.64 -35.90 10.69
CA GLU B 54 -10.01 -36.38 10.45
C GLU B 54 -10.53 -36.11 9.04
N LYS B 55 -9.99 -35.07 8.41
CA LYS B 55 -10.44 -34.62 7.09
CA LYS B 55 -10.43 -34.68 7.08
C LYS B 55 -9.20 -34.32 6.26
N HIS B 56 -9.16 -34.82 5.04
CA HIS B 56 -8.03 -34.50 4.16
C HIS B 56 -8.18 -33.11 3.55
N GLN B 57 -7.05 -32.58 3.09
CA GLN B 57 -6.99 -31.21 2.54
C GLN B 57 -7.89 -31.06 1.33
N ASP B 58 -8.43 -29.85 1.17
CA ASP B 58 -9.28 -29.53 0.01
C ASP B 58 -8.50 -29.77 -1.30
N PHE B 59 -9.21 -30.12 -2.36
CA PHE B 59 -8.62 -30.46 -3.64
C PHE B 59 -7.65 -29.39 -4.15
N TRP B 60 -8.07 -28.13 -4.26
CA TRP B 60 -7.17 -27.14 -4.87
C TRP B 60 -5.93 -26.90 -4.02
N VAL B 61 -6.12 -26.86 -2.71
CA VAL B 61 -5.02 -26.60 -1.79
C VAL B 61 -4.01 -27.75 -1.85
N GLU B 62 -4.51 -28.97 -2.06
CA GLU B 62 -3.61 -30.11 -2.17
C GLU B 62 -2.61 -29.93 -3.33
N ALA B 63 -3.00 -29.29 -4.45
CA ALA B 63 -2.04 -28.99 -5.52
C ALA B 63 -0.93 -28.06 -5.04
N GLU B 64 -1.27 -27.16 -4.12
CA GLU B 64 -0.30 -26.19 -3.60
C GLU B 64 0.65 -26.83 -2.60
N LEU B 65 0.14 -27.81 -1.85
CA LEU B 65 1.01 -28.62 -0.98
C LEU B 65 1.90 -29.54 -1.83
N TRP B 66 1.36 -30.02 -2.95
CA TRP B 66 2.17 -30.76 -3.91
C TRP B 66 3.37 -29.94 -4.38
N GLU B 67 3.11 -28.70 -4.79
CA GLU B 67 4.18 -27.81 -5.20
C GLU B 67 5.16 -27.51 -4.07
N LEU B 68 4.69 -27.44 -2.82
CA LEU B 68 5.59 -27.27 -1.68
C LEU B 68 6.59 -28.42 -1.59
N VAL B 69 6.10 -29.65 -1.75
CA VAL B 69 6.99 -30.82 -1.73
C VAL B 69 8.04 -30.68 -2.85
N MET B 70 7.61 -30.21 -4.02
CA MET B 70 8.53 -29.98 -5.15
C MET B 70 9.58 -28.92 -4.83
N ASP B 71 9.17 -27.83 -4.19
CA ASP B 71 10.08 -26.77 -3.82
C ASP B 71 11.11 -27.23 -2.78
N ALA B 72 10.66 -28.01 -1.81
CA ALA B 72 11.58 -28.61 -0.85
C ALA B 72 12.56 -29.56 -1.54
N TYR B 73 12.06 -30.36 -2.47
CA TYR B 73 12.90 -31.25 -3.28
C TYR B 73 14.01 -30.45 -3.98
N GLN B 74 13.65 -29.33 -4.59
CA GLN B 74 14.62 -28.50 -5.32
C GLN B 74 15.58 -27.75 -4.41
N HIS B 75 15.14 -27.44 -3.19
CA HIS B 75 15.94 -26.63 -2.25
C HIS B 75 16.97 -27.44 -1.47
N THR B 76 16.62 -28.67 -1.08
CA THR B 76 17.47 -29.44 -0.15
C THR B 76 18.80 -29.88 -0.78
N SER B 77 19.84 -29.98 0.05
CA SER B 77 21.08 -30.63 -0.38
C SER B 77 21.32 -31.93 0.40
N ASP B 78 20.30 -32.39 1.13
CA ASP B 78 20.30 -33.71 1.77
C ASP B 78 19.87 -34.76 0.75
N PRO B 79 20.81 -35.58 0.25
CA PRO B 79 20.43 -36.53 -0.82
C PRO B 79 19.36 -37.56 -0.41
N ALA B 80 19.34 -37.94 0.87
CA ALA B 80 18.33 -38.88 1.37
C ALA B 80 16.93 -38.25 1.42
N LEU B 81 16.83 -37.06 2.00
CA LEU B 81 15.58 -36.31 2.01
C LEU B 81 15.11 -36.05 0.58
N LYS B 82 16.05 -35.68 -0.28
CA LYS B 82 15.72 -35.37 -1.67
C LYS B 82 15.03 -36.55 -2.36
N ALA B 83 15.58 -37.75 -2.20
CA ALA B 83 15.00 -38.94 -2.81
C ALA B 83 13.62 -39.26 -2.21
N GLU B 84 13.48 -39.06 -0.92
CA GLU B 84 12.19 -39.23 -0.23
C GLU B 84 11.12 -38.27 -0.79
N LEU B 85 11.49 -37.00 -0.91
CA LEU B 85 10.59 -35.99 -1.46
C LEU B 85 10.24 -36.28 -2.92
N LYS B 86 11.22 -36.75 -3.69
CA LYS B 86 10.94 -37.11 -5.09
C LYS B 86 9.86 -38.21 -5.19
N THR B 87 9.96 -39.21 -4.32
CA THR B 87 8.95 -40.26 -4.27
C THR B 87 7.60 -39.69 -3.86
N GLN B 88 7.62 -38.78 -2.88
CA GLN B 88 6.40 -38.13 -2.43
C GLN B 88 5.67 -37.36 -3.54
N ILE B 89 6.41 -36.80 -4.50
CA ILE B 89 5.78 -36.14 -5.64
C ILE B 89 4.83 -37.10 -6.35
N ASP B 90 5.29 -38.33 -6.59
CA ASP B 90 4.46 -39.35 -7.23
C ASP B 90 3.30 -39.77 -6.32
N ASP B 91 3.58 -39.98 -5.04
CA ASP B 91 2.54 -40.41 -4.10
C ASP B 91 1.39 -39.41 -3.98
N VAL B 92 1.70 -38.12 -3.90
CA VAL B 92 0.64 -37.09 -3.81
C VAL B 92 -0.33 -37.23 -4.99
N TYR B 93 0.23 -37.32 -6.20
CA TYR B 93 -0.59 -37.53 -7.37
C TYR B 93 -1.44 -38.81 -7.26
N ASP B 94 -0.82 -39.93 -6.90
CA ASP B 94 -1.57 -41.19 -6.77
C ASP B 94 -2.72 -41.10 -5.77
N GLY B 95 -2.48 -40.45 -4.63
CA GLY B 95 -3.51 -40.31 -3.60
C GLY B 95 -4.67 -39.47 -4.09
N THR B 96 -4.36 -38.37 -4.78
CA THR B 96 -5.41 -37.54 -5.33
C THR B 96 -6.21 -38.25 -6.41
N VAL B 97 -5.52 -38.99 -7.28
CA VAL B 97 -6.21 -39.73 -8.34
C VAL B 97 -7.11 -40.84 -7.76
N ALA B 98 -6.67 -41.47 -6.68
CA ALA B 98 -7.47 -42.51 -6.03
C ALA B 98 -8.83 -41.96 -5.55
N LYS B 99 -8.83 -40.71 -5.09
CA LYS B 99 -10.05 -40.09 -4.53
C LYS B 99 -10.86 -39.32 -5.57
N TYR B 100 -10.18 -38.64 -6.50
CA TYR B 100 -10.82 -37.66 -7.39
C TYR B 100 -10.83 -38.08 -8.87
N GLY B 101 -10.17 -39.20 -9.17
CA GLY B 101 -10.01 -39.65 -10.55
C GLY B 101 -8.84 -38.96 -11.26
N GLN B 102 -8.55 -39.42 -12.48
CA GLN B 102 -7.53 -38.85 -13.34
C GLN B 102 -8.04 -37.67 -14.13
N ASP B 103 -9.34 -37.63 -14.37
CA ASP B 103 -9.97 -36.58 -15.18
C ASP B 103 -10.70 -35.62 -14.25
N TRP B 104 -10.14 -34.43 -14.09
CA TRP B 104 -10.65 -33.42 -13.18
C TRP B 104 -11.62 -32.45 -13.86
N THR B 105 -11.95 -32.67 -15.13
CA THR B 105 -12.78 -31.72 -15.88
C THR B 105 -14.26 -31.73 -15.49
N ASN B 106 -14.66 -32.67 -14.63
CA ASN B 106 -15.99 -32.66 -14.02
C ASN B 106 -16.10 -31.75 -12.80
N ASN B 107 -14.98 -31.16 -12.38
CA ASN B 107 -14.96 -30.18 -11.31
C ASN B 107 -15.43 -28.85 -11.89
N PRO B 108 -16.47 -28.23 -11.30
CA PRO B 108 -16.99 -26.98 -11.86
C PRO B 108 -16.08 -25.74 -11.69
N PHE B 109 -15.09 -25.86 -10.83
CA PHE B 109 -14.11 -24.78 -10.62
C PHE B 109 -12.96 -24.88 -11.62
N ASN B 110 -12.89 -23.93 -12.55
CA ASN B 110 -11.76 -23.90 -13.48
C ASN B 110 -10.42 -23.69 -12.79
N ASP B 111 -10.42 -22.89 -11.72
CA ASP B 111 -9.20 -22.67 -10.95
C ASP B 111 -8.70 -23.97 -10.32
N ASP B 112 -9.59 -24.75 -9.71
CA ASP B 112 -9.19 -26.06 -9.16
C ASP B 112 -8.43 -26.87 -10.21
N ILE B 113 -8.99 -26.93 -11.41
CA ILE B 113 -8.42 -27.70 -12.52
C ILE B 113 -7.02 -27.15 -12.88
N MET B 114 -6.92 -25.83 -12.98
CA MET B 114 -5.68 -25.19 -13.42
C MET B 114 -4.57 -25.29 -12.38
N TRP B 115 -4.90 -25.23 -11.09
CA TRP B 115 -3.88 -25.44 -10.06
C TRP B 115 -3.23 -26.83 -10.22
N TRP B 116 -4.05 -27.83 -10.54
CA TRP B 116 -3.55 -29.19 -10.76
C TRP B 116 -2.81 -29.32 -12.10
N ALA B 117 -3.25 -28.59 -13.13
CA ALA B 117 -2.55 -28.58 -14.41
C ALA B 117 -1.15 -28.00 -14.23
N MET B 118 -1.04 -26.91 -13.49
CA MET B 118 0.25 -26.30 -13.20
C MET B 118 1.15 -27.26 -12.40
N GLY B 119 0.61 -27.85 -11.34
CA GLY B 119 1.39 -28.79 -10.54
C GLY B 119 1.88 -29.96 -11.39
N SER B 120 1.02 -30.45 -12.27
CA SER B 120 1.37 -31.57 -13.13
C SER B 120 2.52 -31.23 -14.08
N ALA B 121 2.50 -30.03 -14.64
CA ALA B 121 3.59 -29.57 -15.49
C ALA B 121 4.92 -29.59 -14.73
N ARG B 122 4.89 -29.07 -13.50
CA ARG B 122 6.10 -29.09 -12.67
C ARG B 122 6.53 -30.52 -12.33
N ALA B 123 5.57 -31.43 -12.08
CA ALA B 123 5.92 -32.80 -11.77
C ALA B 123 6.61 -33.46 -12.97
N TYR B 124 6.18 -33.10 -14.18
CA TYR B 124 6.84 -33.60 -15.39
C TYR B 124 8.28 -33.10 -15.44
N GLN B 125 8.46 -31.81 -15.19
CA GLN B 125 9.80 -31.23 -15.23
C GLN B 125 10.73 -31.98 -14.27
N ILE B 126 10.24 -32.37 -13.09
CA ILE B 126 11.10 -33.00 -12.10
C ILE B 126 11.32 -34.50 -12.38
N THR B 127 10.25 -35.20 -12.75
CA THR B 127 10.32 -36.68 -12.87
C THR B 127 10.53 -37.21 -14.27
N GLY B 128 10.11 -36.45 -15.29
CA GLY B 128 10.08 -36.94 -16.66
C GLY B 128 9.02 -37.98 -16.96
N ASN B 129 8.11 -38.23 -16.01
CA ASN B 129 7.06 -39.21 -16.23
C ASN B 129 5.98 -38.63 -17.15
N PRO B 130 5.77 -39.24 -18.33
CA PRO B 130 4.83 -38.66 -19.30
C PRO B 130 3.38 -38.53 -18.82
N ARG B 131 2.99 -39.27 -17.79
CA ARG B 131 1.63 -39.15 -17.27
C ARG B 131 1.37 -37.72 -16.83
N TYR B 132 2.40 -37.05 -16.34
CA TYR B 132 2.25 -35.69 -15.85
C TYR B 132 2.11 -34.68 -16.97
N LEU B 133 2.82 -34.90 -18.07
CA LEU B 133 2.67 -34.01 -19.22
C LEU B 133 1.27 -34.15 -19.84
N GLU B 134 0.76 -35.38 -19.94
CA GLU B 134 -0.62 -35.61 -20.40
C GLU B 134 -1.60 -34.88 -19.49
N ALA B 135 -1.44 -35.05 -18.17
CA ALA B 135 -2.37 -34.44 -17.24
C ALA B 135 -2.34 -32.91 -17.36
N ALA B 136 -1.13 -32.35 -17.45
CA ALA B 136 -0.98 -30.90 -17.57
C ALA B 136 -1.61 -30.36 -18.86
N ARG B 137 -1.23 -30.95 -19.98
CA ARG B 137 -1.70 -30.51 -21.30
C ARG B 137 -3.22 -30.68 -21.43
N ASP B 138 -3.75 -31.84 -21.05
CA ASP B 138 -5.18 -32.10 -21.25
C ASP B 138 -6.05 -31.15 -20.41
N HIS B 139 -5.63 -30.91 -19.17
CA HIS B 139 -6.41 -30.03 -18.28
C HIS B 139 -6.22 -28.56 -18.61
N PHE B 140 -5.01 -28.15 -18.95
CA PHE B 140 -4.83 -26.78 -19.45
C PHE B 140 -5.69 -26.52 -20.71
N ASP B 141 -5.61 -27.44 -21.67
CA ASP B 141 -6.33 -27.29 -22.93
C ASP B 141 -7.84 -27.22 -22.68
N PHE B 142 -8.37 -28.07 -21.80
CA PHE B 142 -9.80 -28.02 -21.49
C PHE B 142 -10.20 -26.62 -21.05
N VAL B 143 -9.48 -26.09 -20.07
CA VAL B 143 -9.84 -24.79 -19.52
C VAL B 143 -9.62 -23.65 -20.54
N TYR B 144 -8.41 -23.56 -21.09
CA TYR B 144 -8.12 -22.47 -22.02
C TYR B 144 -8.96 -22.51 -23.30
N ASP B 145 -9.11 -23.72 -23.87
CA ASP B 145 -9.81 -23.82 -25.16
C ASP B 145 -11.31 -23.59 -25.01
N THR B 146 -11.89 -24.00 -23.88
CA THR B 146 -13.35 -23.93 -23.71
C THR B 146 -13.85 -22.82 -22.78
N GLN B 147 -12.97 -22.26 -21.94
CA GLN B 147 -13.39 -21.29 -20.93
C GLN B 147 -12.84 -19.88 -21.11
N TRP B 148 -11.92 -19.68 -22.06
CA TRP B 148 -11.56 -18.33 -22.51
C TRP B 148 -12.74 -17.79 -23.31
N ASP B 149 -13.10 -16.54 -23.05
CA ASP B 149 -14.22 -15.91 -23.71
C ASP B 149 -13.91 -14.45 -24.01
N GLU B 150 -14.35 -13.98 -25.18
CA GLU B 150 -14.18 -12.60 -25.55
C GLU B 150 -15.48 -11.81 -25.59
N GLU B 151 -16.61 -12.45 -25.26
CA GLU B 151 -17.89 -11.74 -25.28
C GLU B 151 -18.13 -10.88 -24.04
N PHE B 152 -17.33 -11.09 -22.99
CA PHE B 152 -17.43 -10.34 -21.72
C PHE B 152 -16.03 -9.88 -21.33
N ALA B 153 -15.89 -8.61 -20.96
CA ALA B 153 -14.65 -8.09 -20.35
C ALA B 153 -13.40 -8.11 -21.26
N ASN B 154 -13.64 -8.08 -22.56
CA ASN B 154 -12.55 -8.00 -23.54
C ASN B 154 -11.66 -9.24 -23.58
N GLY B 155 -12.08 -10.35 -22.97
CA GLY B 155 -11.24 -11.53 -22.87
C GLY B 155 -11.36 -12.16 -21.50
N GLY B 156 -10.44 -13.09 -21.22
CA GLY B 156 -10.33 -13.71 -19.93
C GLY B 156 -11.04 -15.05 -19.79
N ILE B 157 -10.56 -15.84 -18.84
CA ILE B 157 -11.12 -17.13 -18.49
C ILE B 157 -12.15 -17.02 -17.36
N TRP B 158 -13.30 -17.66 -17.55
CA TRP B 158 -14.31 -17.77 -16.51
C TRP B 158 -13.80 -18.52 -15.28
N TRP B 159 -14.28 -18.11 -14.11
CA TRP B 159 -13.95 -18.83 -12.87
C TRP B 159 -14.46 -20.27 -12.86
N LEU B 160 -15.71 -20.45 -13.28
CA LEU B 160 -16.40 -21.74 -13.24
C LEU B 160 -16.76 -22.19 -14.64
N ASN B 161 -16.85 -23.51 -14.83
CA ASN B 161 -17.39 -24.06 -16.06
C ASN B 161 -18.89 -24.40 -15.95
N SER B 162 -19.46 -24.23 -14.77
CA SER B 162 -20.88 -24.38 -14.55
C SER B 162 -21.60 -23.07 -14.92
N ASP B 163 -21.46 -22.06 -14.08
CA ASP B 163 -22.12 -20.76 -14.25
C ASP B 163 -21.04 -19.77 -14.71
N HIS B 164 -21.36 -18.92 -15.69
CA HIS B 164 -20.43 -17.91 -16.17
C HIS B 164 -20.82 -16.52 -15.67
N ASN B 165 -20.41 -16.21 -14.44
CA ASN B 165 -20.73 -14.94 -13.81
C ASN B 165 -19.54 -14.05 -13.48
N THR B 166 -18.35 -14.63 -13.39
CA THR B 166 -17.16 -13.88 -12.99
CA THR B 166 -17.15 -13.88 -12.99
C THR B 166 -15.91 -14.43 -13.66
N LYS B 167 -14.93 -13.56 -13.84
CA LYS B 167 -13.59 -13.92 -14.36
C LYS B 167 -12.59 -13.44 -13.31
N ASN B 168 -11.77 -14.37 -12.83
CA ASN B 168 -11.03 -14.15 -11.57
C ASN B 168 -9.52 -14.23 -11.75
N ALA B 169 -8.80 -13.48 -10.92
CA ALA B 169 -7.35 -13.54 -10.93
C ALA B 169 -6.85 -14.94 -10.60
N CYS B 170 -7.59 -15.63 -9.72
CA CYS B 170 -7.16 -16.94 -9.22
C CYS B 170 -7.28 -18.08 -10.26
N ILE B 171 -7.93 -17.82 -11.40
CA ILE B 171 -7.83 -18.70 -12.58
C ILE B 171 -6.90 -18.10 -13.63
N ASN B 172 -7.04 -16.81 -13.92
CA ASN B 172 -6.29 -16.25 -15.04
C ASN B 172 -4.74 -16.23 -14.87
N PHE B 173 -4.23 -15.76 -13.74
CA PHE B 173 -2.78 -15.76 -13.59
C PHE B 173 -2.18 -17.18 -13.45
N PRO B 174 -2.82 -18.08 -12.68
CA PRO B 174 -2.34 -19.47 -12.70
C PRO B 174 -2.35 -20.09 -14.10
N ALA B 175 -3.33 -19.73 -14.93
CA ALA B 175 -3.36 -20.23 -16.30
C ALA B 175 -2.16 -19.73 -17.11
N ALA B 176 -1.81 -18.45 -16.96
CA ALA B 176 -0.60 -17.92 -17.60
C ALA B 176 0.65 -18.68 -17.11
N GLN B 177 0.72 -18.96 -15.81
CA GLN B 177 1.84 -19.73 -15.26
C GLN B 177 1.91 -21.13 -15.83
N ALA B 178 0.76 -21.81 -15.90
CA ALA B 178 0.72 -23.17 -16.43
C ALA B 178 1.21 -23.18 -17.88
N ALA B 179 0.73 -22.20 -18.65
CA ALA B 179 1.16 -22.06 -20.05
C ALA B 179 2.68 -21.86 -20.13
N LEU B 180 3.25 -21.06 -19.22
CA LEU B 180 4.70 -20.85 -19.20
C LEU B 180 5.47 -22.13 -18.88
N TYR B 181 5.00 -22.93 -17.93
CA TYR B 181 5.67 -24.20 -17.67
C TYR B 181 5.59 -25.12 -18.89
N LEU B 182 4.40 -25.18 -19.52
CA LEU B 182 4.22 -26.02 -20.71
C LEU B 182 5.11 -25.53 -21.87
N TYR B 183 5.24 -24.21 -22.03
CA TYR B 183 6.18 -23.66 -23.02
C TYR B 183 7.63 -24.07 -22.72
N ASP B 184 8.03 -24.00 -21.45
CA ASP B 184 9.39 -24.36 -21.10
C ASP B 184 9.67 -25.84 -21.43
N ILE B 185 8.70 -26.69 -21.13
CA ILE B 185 8.84 -28.13 -21.38
C ILE B 185 8.93 -28.44 -22.87
N THR B 186 8.01 -27.86 -23.65
CA THR B 186 7.74 -28.29 -25.03
C THR B 186 8.37 -27.42 -26.12
N LYS B 187 8.61 -26.15 -25.78
CA LYS B 187 9.02 -25.12 -26.74
C LYS B 187 7.97 -24.90 -27.83
N ASP B 188 6.72 -25.27 -27.58
CA ASP B 188 5.64 -25.09 -28.52
C ASP B 188 5.13 -23.66 -28.39
N GLU B 189 5.25 -22.89 -29.47
CA GLU B 189 4.80 -21.48 -29.46
C GLU B 189 3.35 -21.31 -29.01
N HIS B 190 2.50 -22.30 -29.22
CA HIS B 190 1.11 -22.21 -28.76
C HIS B 190 1.04 -21.78 -27.28
N TYR B 191 1.90 -22.35 -26.45
CA TYR B 191 1.84 -22.08 -25.01
C TYR B 191 2.43 -20.71 -24.65
N LEU B 192 3.48 -20.27 -25.36
CA LEU B 192 3.99 -18.91 -25.15
C LEU B 192 2.93 -17.89 -25.59
N ASN B 193 2.27 -18.17 -26.71
CA ASN B 193 1.23 -17.26 -27.19
C ASN B 193 0.07 -17.18 -26.21
N ALA B 194 -0.32 -18.32 -25.67
CA ALA B 194 -1.38 -18.33 -24.65
C ALA B 194 -0.99 -17.54 -23.40
N ALA B 195 0.22 -17.77 -22.89
CA ALA B 195 0.67 -17.03 -21.71
C ALA B 195 0.67 -15.52 -21.97
N THR B 196 1.14 -15.13 -23.15
CA THR B 196 1.20 -13.72 -23.52
C THR B 196 -0.20 -13.10 -23.58
N LYS B 197 -1.13 -13.82 -24.21
CA LYS B 197 -2.50 -13.31 -24.35
C LYS B 197 -3.25 -13.21 -23.00
N ILE B 198 -3.11 -14.25 -22.19
CA ILE B 198 -3.77 -14.28 -20.87
C ILE B 198 -3.19 -13.16 -20.00
N PHE B 199 -1.85 -13.05 -19.94
CA PHE B 199 -1.23 -12.04 -19.09
C PHE B 199 -1.56 -10.61 -19.53
N ARG B 200 -1.52 -10.35 -20.84
CA ARG B 200 -1.85 -9.01 -21.34
C ARG B 200 -3.27 -8.63 -20.92
N TRP B 201 -4.21 -9.56 -21.13
CA TRP B 201 -5.59 -9.31 -20.72
C TRP B 201 -5.67 -9.06 -19.20
N GLY B 202 -5.01 -9.93 -18.42
CA GLY B 202 -5.04 -9.80 -16.97
C GLY B 202 -4.44 -8.51 -16.45
N LYS B 203 -3.33 -8.09 -17.04
CA LYS B 203 -2.73 -6.85 -16.60
C LYS B 203 -3.67 -5.68 -16.89
N THR B 204 -4.29 -5.71 -18.06
CA THR B 204 -5.19 -4.63 -18.45
C THR B 204 -6.50 -4.59 -17.66
N MET B 205 -7.11 -5.77 -17.43
CA MET B 205 -8.47 -5.86 -16.88
C MET B 205 -8.54 -6.22 -15.39
N LEU B 206 -7.52 -6.92 -14.89
CA LEU B 206 -7.46 -7.34 -13.50
C LEU B 206 -6.38 -6.65 -12.67
N THR B 207 -5.79 -5.57 -13.18
CA THR B 207 -4.91 -4.73 -12.35
C THR B 207 -5.17 -3.29 -12.66
N ASP B 208 -4.64 -2.43 -11.79
CA ASP B 208 -4.75 -0.98 -11.98
C ASP B 208 -3.55 -0.38 -12.75
N GLY B 209 -2.67 -1.23 -13.27
CA GLY B 209 -1.46 -0.78 -13.96
C GLY B 209 -0.32 -0.34 -13.03
N ASN B 210 -0.59 -0.37 -11.72
CA ASN B 210 0.37 0.07 -10.72
C ASN B 210 0.77 -1.07 -9.79
N GLY B 211 0.46 -2.30 -10.17
CA GLY B 211 0.85 -3.48 -9.41
C GLY B 211 -0.19 -4.04 -8.46
N LYS B 212 -1.36 -3.42 -8.34
CA LYS B 212 -2.46 -3.97 -7.54
C LYS B 212 -3.32 -4.90 -8.37
N VAL B 213 -3.45 -6.15 -7.95
CA VAL B 213 -4.21 -7.16 -8.66
C VAL B 213 -5.62 -7.28 -8.06
N PHE B 214 -6.62 -7.05 -8.90
CA PHE B 214 -8.02 -7.16 -8.50
C PHE B 214 -8.45 -8.63 -8.36
N ASP B 215 -9.37 -8.90 -7.44
CA ASP B 215 -9.80 -10.27 -7.21
C ASP B 215 -10.49 -10.86 -8.45
N ARG B 216 -11.39 -10.08 -9.05
CA ARG B 216 -12.25 -10.60 -10.10
C ARG B 216 -13.03 -9.49 -10.76
N ILE B 217 -13.66 -9.85 -11.88
CA ILE B 217 -14.65 -9.02 -12.55
C ILE B 217 -15.98 -9.80 -12.56
N GLU B 218 -17.05 -9.14 -12.10
N GLU B 218 -17.04 -9.14 -12.11
CA GLU B 218 -18.38 -9.74 -12.07
CA GLU B 218 -18.38 -9.71 -12.04
C GLU B 218 -19.27 -9.17 -13.17
C GLU B 218 -19.25 -9.13 -13.16
N ILE B 219 -19.96 -10.06 -13.88
N ILE B 219 -19.90 -10.00 -13.92
CA ILE B 219 -20.88 -9.63 -14.94
CA ILE B 219 -20.75 -9.53 -15.02
C ILE B 219 -21.90 -8.66 -14.41
C ILE B 219 -21.87 -8.67 -14.44
N GLU B 220 -22.16 -7.60 -15.17
CA GLU B 220 -23.17 -6.58 -14.81
C GLU B 220 -22.81 -5.81 -13.55
N HIS B 221 -21.51 -5.81 -13.21
CA HIS B 221 -21.01 -5.08 -12.07
C HIS B 221 -19.69 -4.38 -12.38
N GLY B 222 -18.67 -5.15 -12.73
CA GLY B 222 -17.33 -4.60 -12.94
C GLY B 222 -16.33 -5.29 -12.03
N ALA B 223 -15.17 -4.65 -11.88
CA ALA B 223 -14.10 -5.20 -11.07
C ALA B 223 -14.45 -5.13 -9.59
N VAL B 224 -14.01 -6.16 -8.86
CA VAL B 224 -14.00 -6.16 -7.40
C VAL B 224 -12.55 -5.98 -7.00
N PRO B 225 -12.15 -4.76 -6.59
CA PRO B 225 -10.71 -4.42 -6.50
C PRO B 225 -10.09 -4.75 -5.14
N ASP B 226 -10.36 -5.95 -4.67
CA ASP B 226 -9.85 -6.47 -3.40
C ASP B 226 -8.58 -7.26 -3.71
N ALA B 227 -7.46 -6.85 -3.12
CA ALA B 227 -6.16 -7.50 -3.34
C ALA B 227 -5.88 -8.53 -2.24
N THR B 228 -5.22 -9.62 -2.62
CA THR B 228 -4.85 -10.68 -1.69
C THR B 228 -3.47 -11.22 -2.05
N HIS B 229 -2.84 -11.86 -1.07
CA HIS B 229 -1.50 -12.38 -1.25
C HIS B 229 -1.38 -13.32 -2.45
N TYR B 230 -2.31 -14.28 -2.57
CA TYR B 230 -2.11 -15.29 -3.61
C TYR B 230 -2.24 -14.76 -5.02
N ASN B 231 -3.06 -13.71 -5.20
CA ASN B 231 -3.22 -13.11 -6.52
C ASN B 231 -2.06 -12.18 -6.85
N GLN B 232 -1.53 -11.47 -5.86
CA GLN B 232 -0.25 -10.79 -6.10
C GLN B 232 0.81 -11.82 -6.52
N GLY B 233 0.81 -12.99 -5.87
CA GLY B 233 1.82 -13.99 -6.12
C GLY B 233 1.80 -14.54 -7.52
N THR B 234 0.64 -14.98 -7.98
CA THR B 234 0.57 -15.59 -9.30
C THR B 234 0.77 -14.56 -10.42
N TYR B 235 0.35 -13.32 -10.21
CA TYR B 235 0.67 -12.24 -11.14
C TYR B 235 2.19 -12.05 -11.23
N ILE B 236 2.85 -11.95 -10.08
CA ILE B 236 4.31 -11.78 -10.04
C ILE B 236 5.01 -12.95 -10.71
N GLY B 237 4.60 -14.17 -10.40
CA GLY B 237 5.22 -15.34 -11.03
C GLY B 237 5.05 -15.40 -12.54
N SER B 238 3.83 -15.08 -13.02
CA SER B 238 3.62 -15.09 -14.46
CA SER B 238 3.53 -14.98 -14.45
C SER B 238 4.45 -13.97 -15.12
N ALA B 239 4.55 -12.80 -14.48
CA ALA B 239 5.38 -11.71 -15.03
C ALA B 239 6.85 -12.11 -15.11
N VAL B 240 7.40 -12.69 -14.03
CA VAL B 240 8.80 -13.11 -14.05
C VAL B 240 8.99 -14.19 -15.12
N GLY B 241 8.06 -15.14 -15.20
CA GLY B 241 8.15 -16.18 -16.20
C GLY B 241 8.12 -15.65 -17.63
N LEU B 242 7.28 -14.66 -17.88
CA LEU B 242 7.25 -14.04 -19.21
C LEU B 242 8.53 -13.25 -19.49
N TYR B 243 9.07 -12.59 -18.48
CA TYR B 243 10.38 -11.95 -18.62
C TYR B 243 11.43 -12.97 -19.07
N LYS B 244 11.49 -14.11 -18.40
CA LYS B 244 12.47 -15.14 -18.74
CA LYS B 244 12.47 -15.14 -18.75
C LYS B 244 12.27 -15.72 -20.14
N ALA B 245 11.02 -15.91 -20.53
CA ALA B 245 10.71 -16.52 -21.81
C ALA B 245 10.93 -15.61 -23.01
N THR B 246 10.75 -14.31 -22.80
CA THR B 246 10.73 -13.34 -23.89
C THR B 246 11.89 -12.34 -23.89
N GLY B 247 12.53 -12.15 -22.75
CA GLY B 247 13.51 -11.09 -22.57
C GLY B 247 12.96 -9.66 -22.50
N ASN B 248 11.63 -9.50 -22.49
CA ASN B 248 11.03 -8.17 -22.51
C ASN B 248 11.01 -7.59 -21.09
N ALA B 249 11.84 -6.56 -20.88
CA ALA B 249 12.00 -5.89 -19.59
C ALA B 249 10.71 -5.39 -18.96
N VAL B 250 9.70 -5.09 -19.79
CA VAL B 250 8.44 -4.61 -19.23
C VAL B 250 7.87 -5.62 -18.23
N TYR B 251 8.01 -6.91 -18.51
CA TYR B 251 7.48 -7.93 -17.62
C TYR B 251 8.17 -7.93 -16.24
N LEU B 252 9.47 -7.69 -16.22
CA LEU B 252 10.20 -7.57 -14.96
C LEU B 252 9.72 -6.34 -14.20
N ASP B 253 9.52 -5.22 -14.90
CA ASP B 253 9.00 -4.02 -14.27
C ASP B 253 7.60 -4.28 -13.66
N ASP B 254 6.75 -5.01 -14.40
CA ASP B 254 5.40 -5.37 -13.92
C ASP B 254 5.51 -6.13 -12.57
N ALA B 255 6.43 -7.09 -12.51
CA ALA B 255 6.66 -7.89 -11.30
C ALA B 255 7.14 -7.02 -10.15
N VAL B 256 8.07 -6.13 -10.42
CA VAL B 256 8.56 -5.22 -9.39
C VAL B 256 7.44 -4.34 -8.83
N LYS B 257 6.60 -3.76 -9.69
N LYS B 257 6.60 -3.75 -9.70
CA LYS B 257 5.51 -2.92 -9.18
CA LYS B 257 5.47 -2.93 -9.24
C LYS B 257 4.55 -3.70 -8.27
C LYS B 257 4.56 -3.69 -8.28
N ALA B 258 4.25 -4.94 -8.63
CA ALA B 258 3.34 -5.77 -7.83
C ALA B 258 3.98 -6.22 -6.52
N ALA B 259 5.31 -6.44 -6.52
CA ALA B 259 6.03 -6.78 -5.29
C ALA B 259 6.07 -5.59 -4.34
N LYS B 260 6.32 -4.40 -4.89
CA LYS B 260 6.28 -3.17 -4.11
C LYS B 260 4.89 -2.95 -3.50
N PHE B 261 3.84 -3.16 -4.30
CA PHE B 261 2.49 -2.99 -3.78
C PHE B 261 2.26 -3.91 -2.57
N THR B 262 2.69 -5.17 -2.70
CA THR B 262 2.54 -6.16 -1.64
C THR B 262 3.24 -5.71 -0.35
N LYS B 263 4.51 -5.33 -0.49
CA LYS B 263 5.34 -4.93 0.63
C LYS B 263 4.82 -3.64 1.31
N ASN B 264 4.29 -2.71 0.51
CA ASN B 264 3.80 -1.46 1.07
C ASN B 264 2.40 -1.53 1.69
N HIS B 265 1.56 -2.42 1.15
CA HIS B 265 0.13 -2.40 1.48
C HIS B 265 -0.40 -3.64 2.19
N LEU B 266 0.10 -4.83 1.85
CA LEU B 266 -0.49 -6.09 2.37
C LEU B 266 0.27 -6.65 3.58
N VAL B 267 0.59 -5.71 4.47
CA VAL B 267 1.38 -5.94 5.66
C VAL B 267 0.74 -5.20 6.83
N ASP B 268 1.11 -5.61 8.03
CA ASP B 268 0.70 -4.98 9.27
C ASP B 268 1.61 -3.78 9.61
N SER B 269 1.40 -3.16 10.76
CA SER B 269 2.13 -1.92 11.09
C SER B 269 3.62 -2.13 11.25
N ASN B 270 4.06 -3.38 11.42
CA ASN B 270 5.50 -3.69 11.51
C ASN B 270 6.11 -4.18 10.21
N GLY B 271 5.31 -4.23 9.14
CA GLY B 271 5.79 -4.74 7.86
C GLY B 271 5.74 -6.25 7.69
N VAL B 272 5.13 -6.93 8.64
CA VAL B 272 4.94 -8.37 8.55
C VAL B 272 3.74 -8.63 7.63
N LEU B 273 3.90 -9.52 6.66
CA LEU B 273 2.79 -9.88 5.78
C LEU B 273 1.51 -10.16 6.59
N ASN B 274 0.38 -9.72 6.05
CA ASN B 274 -0.90 -9.91 6.71
C ASN B 274 -1.23 -11.37 6.97
N TYR B 275 -2.02 -11.57 8.02
CA TYR B 275 -2.74 -12.82 8.20
C TYR B 275 -4.12 -12.60 7.59
N GLU B 276 -4.43 -13.38 6.57
CA GLU B 276 -5.66 -13.22 5.79
C GLU B 276 -6.81 -14.15 6.23
N GLY B 277 -6.65 -14.87 7.34
CA GLY B 277 -7.81 -15.52 7.99
C GLY B 277 -8.85 -14.46 8.39
N PRO B 278 -10.09 -14.88 8.71
CA PRO B 278 -10.44 -16.28 8.97
C PRO B 278 -10.82 -17.13 7.74
N ASN B 279 -11.00 -16.51 6.59
CA ASN B 279 -11.35 -17.25 5.38
C ASN B 279 -10.37 -18.42 5.14
N GLY B 280 -10.92 -19.62 4.94
CA GLY B 280 -10.11 -20.82 4.84
C GLY B 280 -9.18 -20.83 3.64
N ASP B 281 -9.67 -20.37 2.49
CA ASP B 281 -8.86 -20.35 1.27
C ASP B 281 -7.74 -19.30 1.34
N LEU B 282 -8.00 -18.14 1.95
CA LEU B 282 -7.00 -17.08 2.02
C LEU B 282 -5.97 -17.29 3.13
N LYS B 283 -6.33 -18.02 4.18
CA LYS B 283 -5.44 -18.01 5.35
C LYS B 283 -4.05 -18.59 5.05
N GLY B 284 -3.95 -19.47 4.06
CA GLY B 284 -2.67 -20.02 3.64
C GLY B 284 -2.05 -19.37 2.40
N GLY B 285 -2.62 -18.25 1.94
CA GLY B 285 -2.20 -17.64 0.68
C GLY B 285 -0.75 -17.21 0.65
N LYS B 286 -0.16 -16.89 1.80
CA LYS B 286 1.26 -16.57 1.86
C LYS B 286 2.11 -17.69 1.26
N THR B 287 1.61 -18.92 1.22
CA THR B 287 2.35 -20.01 0.61
C THR B 287 2.61 -19.70 -0.87
N ILE B 288 1.56 -19.32 -1.57
CA ILE B 288 1.65 -19.04 -2.99
C ILE B 288 2.45 -17.74 -3.20
N LEU B 289 2.19 -16.75 -2.36
CA LEU B 289 2.94 -15.50 -2.47
C LEU B 289 4.47 -15.74 -2.31
N MET B 290 4.87 -16.43 -1.25
CA MET B 290 6.30 -16.62 -1.01
C MET B 290 6.95 -17.41 -2.14
N ARG B 291 6.25 -18.42 -2.67
CA ARG B 291 6.77 -19.22 -3.79
C ARG B 291 7.17 -18.32 -4.96
N ASN B 292 6.29 -17.37 -5.26
CA ASN B 292 6.51 -16.47 -6.39
C ASN B 292 7.44 -15.28 -6.11
N LEU B 293 7.40 -14.73 -4.89
CA LEU B 293 8.37 -13.72 -4.50
C LEU B 293 9.80 -14.25 -4.63
N ALA B 294 10.01 -15.53 -4.32
CA ALA B 294 11.34 -16.14 -4.46
C ALA B 294 11.83 -16.10 -5.91
N HIS B 295 10.93 -16.26 -6.89
CA HIS B 295 11.32 -16.14 -8.29
C HIS B 295 11.84 -14.76 -8.63
N LEU B 296 11.10 -13.73 -8.19
CA LEU B 296 11.53 -12.35 -8.40
C LEU B 296 12.86 -12.08 -7.69
N GLN B 297 12.98 -12.56 -6.46
CA GLN B 297 14.19 -12.33 -5.65
C GLN B 297 15.41 -12.86 -6.38
N LYS B 298 15.30 -14.10 -6.86
CA LYS B 298 16.41 -14.77 -7.56
C LYS B 298 16.77 -13.99 -8.83
N THR B 299 15.77 -13.60 -9.62
CA THR B 299 16.03 -12.88 -10.87
C THR B 299 16.72 -11.54 -10.61
N LEU B 300 16.26 -10.79 -9.62
CA LEU B 300 16.91 -9.51 -9.32
C LEU B 300 18.33 -9.70 -8.76
N ASP B 301 18.49 -10.67 -7.87
CA ASP B 301 19.81 -10.91 -7.27
C ASP B 301 20.83 -11.28 -8.36
N GLU B 302 20.44 -12.14 -9.28
CA GLU B 302 21.37 -12.70 -10.25
C GLU B 302 21.68 -11.73 -11.38
N THR B 303 20.70 -10.91 -11.78
CA THR B 303 20.89 -9.96 -12.89
C THR B 303 21.40 -8.58 -12.47
N GLY B 304 21.29 -8.26 -11.19
CA GLY B 304 21.69 -6.95 -10.68
C GLY B 304 20.77 -5.80 -11.05
N GLN B 305 19.60 -6.12 -11.59
CA GLN B 305 18.62 -5.11 -11.99
C GLN B 305 17.82 -4.65 -10.75
N TYR B 306 17.29 -3.44 -10.84
CA TYR B 306 16.59 -2.79 -9.72
C TYR B 306 17.39 -2.96 -8.41
N PRO B 307 18.66 -2.55 -8.39
CA PRO B 307 19.48 -2.92 -7.23
C PRO B 307 19.03 -2.33 -5.89
N GLU B 308 18.52 -1.09 -5.89
CA GLU B 308 18.04 -0.49 -4.63
C GLU B 308 16.83 -1.24 -4.11
N PHE B 309 15.84 -1.46 -4.97
CA PHE B 309 14.69 -2.24 -4.56
C PHE B 309 15.10 -3.65 -4.15
N SER B 310 15.99 -4.27 -4.91
CA SER B 310 16.43 -5.62 -4.59
C SER B 310 16.96 -5.71 -3.14
N ALA B 311 17.81 -4.76 -2.74
CA ALA B 311 18.32 -4.77 -1.37
C ALA B 311 17.19 -4.61 -0.33
N GLU B 312 16.27 -3.68 -0.58
CA GLU B 312 15.13 -3.47 0.33
C GLU B 312 14.23 -4.71 0.42
N PHE B 313 13.97 -5.30 -0.74
CA PHE B 313 13.12 -6.48 -0.89
C PHE B 313 13.74 -7.66 -0.16
N ASP B 314 15.05 -7.86 -0.35
CA ASP B 314 15.74 -8.99 0.30
C ASP B 314 15.70 -8.85 1.82
N GLU B 315 15.93 -7.63 2.31
CA GLU B 315 15.89 -7.34 3.74
C GLU B 315 14.49 -7.63 4.32
N TRP B 316 13.45 -7.20 3.60
CA TRP B 316 12.07 -7.35 4.05
C TRP B 316 11.65 -8.83 4.02
N LEU B 317 12.07 -9.56 2.98
CA LEU B 317 11.83 -11.01 2.93
C LEU B 317 12.48 -11.71 4.13
N ALA B 318 13.75 -11.38 4.38
CA ALA B 318 14.46 -12.01 5.48
C ALA B 318 13.78 -11.69 6.82
N PHE B 319 13.38 -10.44 7.01
CA PHE B 319 12.63 -10.04 8.20
C PHE B 319 11.36 -10.88 8.41
N ASN B 320 10.59 -11.03 7.34
CA ASN B 320 9.39 -11.85 7.40
C ASN B 320 9.64 -13.32 7.72
N ILE B 321 10.62 -13.91 7.03
CA ILE B 321 10.96 -15.30 7.22
C ILE B 321 11.43 -15.54 8.66
N GLU B 322 12.28 -14.65 9.16
CA GLU B 322 12.77 -14.75 10.52
C GLU B 322 11.61 -14.58 11.53
N MET B 323 10.68 -13.66 11.26
CA MET B 323 9.50 -13.48 12.13
C MET B 323 8.67 -14.76 12.19
N ALA B 324 8.41 -15.36 11.03
CA ALA B 324 7.66 -16.61 10.98
C ALA B 324 8.35 -17.67 11.83
N TRP B 325 9.64 -17.86 11.59
CA TRP B 325 10.34 -18.92 12.32
C TRP B 325 10.55 -18.65 13.80
N SER B 326 10.54 -17.38 14.20
CA SER B 326 10.57 -17.00 15.61
CA SER B 326 10.58 -17.04 15.63
C SER B 326 9.28 -17.45 16.31
N HIS B 327 8.26 -17.78 15.51
CA HIS B 327 6.95 -18.16 16.02
C HIS B 327 6.68 -19.68 15.95
N GLN B 328 7.72 -20.47 15.67
CA GLN B 328 7.57 -21.91 15.66
C GLN B 328 7.32 -22.42 17.05
N ASN B 329 6.54 -23.48 17.11
CA ASN B 329 6.36 -24.18 18.36
C ASN B 329 7.40 -25.28 18.52
N SER B 330 7.28 -26.04 19.60
CA SER B 330 8.24 -27.11 19.88
C SER B 330 8.26 -28.26 18.86
N ASP B 331 7.19 -28.40 18.06
CA ASP B 331 7.15 -29.37 16.95
C ASP B 331 7.66 -28.80 15.61
N HIS B 332 8.21 -27.58 15.65
CA HIS B 332 8.72 -26.88 14.47
C HIS B 332 7.62 -26.56 13.43
N ILE B 333 6.42 -26.30 13.92
CA ILE B 333 5.27 -25.89 13.10
C ILE B 333 4.98 -24.42 13.42
N VAL B 334 4.66 -23.68 12.35
CA VAL B 334 4.44 -22.25 12.45
CA VAL B 334 4.43 -22.24 12.43
C VAL B 334 3.03 -21.93 11.91
N ASP B 335 2.16 -21.44 12.78
CA ASP B 335 0.83 -21.04 12.32
C ASP B 335 0.95 -19.86 11.37
N GLY B 336 0.00 -19.77 10.45
CA GLY B 336 -0.01 -18.68 9.48
C GLY B 336 -0.15 -17.27 10.01
N ASN B 337 -0.56 -17.10 11.27
CA ASN B 337 -0.61 -15.77 11.86
C ASN B 337 0.79 -15.45 12.39
N TRP B 338 1.66 -15.05 11.47
CA TRP B 338 3.09 -14.90 11.75
C TRP B 338 3.39 -13.87 12.83
N ALA B 339 2.50 -12.90 13.03
CA ALA B 339 2.69 -11.84 14.02
C ALA B 339 2.12 -12.19 15.39
N GLY B 340 1.51 -13.37 15.51
CA GLY B 340 0.66 -13.68 16.65
C GLY B 340 1.43 -14.26 17.80
N GLN B 341 0.70 -14.91 18.71
CA GLN B 341 1.31 -15.67 19.78
C GLN B 341 1.80 -17.00 19.20
N LEU B 342 2.52 -17.78 20.01
CA LEU B 342 2.99 -19.07 19.52
C LEU B 342 1.81 -20.04 19.38
N LEU B 343 1.81 -20.82 18.31
CA LEU B 343 0.80 -21.86 18.07
C LEU B 343 0.74 -22.98 19.12
N SER B 344 -0.46 -23.28 19.59
CA SER B 344 -0.73 -24.49 20.40
C SER B 344 -2.13 -25.06 20.01
N GLY B 345 -2.53 -26.20 20.56
CA GLY B 345 -3.77 -26.85 20.16
C GLY B 345 -3.71 -27.42 18.73
N THR B 346 -4.81 -27.32 17.99
CA THR B 346 -4.86 -27.86 16.63
C THR B 346 -4.13 -26.99 15.62
N TYR B 347 -3.29 -27.61 14.79
CA TYR B 347 -2.57 -26.91 13.74
C TYR B 347 -3.22 -27.25 12.39
N GLU B 348 -3.24 -26.28 11.48
CA GLU B 348 -3.82 -26.48 10.13
C GLU B 348 -2.74 -26.49 9.03
N SER B 349 -2.87 -27.42 8.09
CA SER B 349 -1.81 -27.60 7.10
C SER B 349 -1.70 -26.45 6.09
N TRP B 350 -2.80 -25.85 5.67
CA TRP B 350 -2.70 -24.73 4.72
C TRP B 350 -2.07 -23.51 5.40
N SER B 351 -2.59 -23.10 6.56
CA SER B 351 -2.02 -21.97 7.28
CA SER B 351 -2.03 -21.99 7.33
C SER B 351 -0.54 -22.18 7.62
N SER B 352 -0.18 -23.41 8.03
CA SER B 352 1.19 -23.75 8.44
C SER B 352 2.17 -23.93 7.27
N ALA B 353 1.65 -24.11 6.06
CA ALA B 353 2.52 -24.35 4.89
C ALA B 353 3.38 -23.14 4.54
N ALA B 354 2.90 -21.93 4.80
CA ALA B 354 3.59 -20.73 4.34
C ALA B 354 5.00 -20.61 4.89
N ALA B 355 5.16 -20.95 6.16
CA ALA B 355 6.48 -20.82 6.76
C ALA B 355 7.45 -21.85 6.19
N VAL B 356 6.93 -23.04 5.86
CA VAL B 356 7.74 -24.09 5.23
C VAL B 356 8.20 -23.63 3.84
N GLN B 357 7.26 -23.10 3.06
CA GLN B 357 7.56 -22.55 1.76
C GLN B 357 8.65 -21.47 1.86
N ALA B 358 8.52 -20.57 2.83
CA ALA B 358 9.45 -19.46 3.01
C ALA B 358 10.89 -19.94 3.20
N LEU B 359 11.08 -21.12 3.79
CA LEU B 359 12.42 -21.67 4.01
C LEU B 359 12.92 -22.58 2.88
N ASN B 360 12.11 -22.74 1.85
CA ASN B 360 12.44 -23.57 0.71
C ASN B 360 12.36 -22.75 -0.57
N GLY B 361 12.90 -21.53 -0.46
CA GLY B 361 13.00 -20.56 -1.56
C GLY B 361 14.36 -20.61 -2.25
#